data_9KKI
#
_entry.id   9KKI
#
_cell.length_a   100.315
_cell.length_b   100.490
_cell.length_c   223.068
_cell.angle_alpha   90.00
_cell.angle_beta   90.00
_cell.angle_gamma   90.00
#
_symmetry.space_group_name_H-M   'C 2 2 21'
#
loop_
_entity.id
_entity.type
_entity.pdbx_description
1 polymer 'Cytochrome P450'
2 non-polymer 'PROTOPORPHYRIN IX CONTAINING FE'
3 non-polymer 'LAURIC ACID'
4 water water
#
_entity_poly.entity_id   1
_entity_poly.type   'polypeptide(L)'
_entity_poly.pdbx_seq_one_letter_code
;MGMPTLPRTFDDIQSRLINATSRVVPMQRQIQGLKFLMSAKRKTFGPRRPMPEFVETPIPDVNTLALEDIDVSNPFLYRQ
GQWRAYFKRLRDEAPVHYQKNSPFGPFWSVTRFEDILFVDKSHDLFSAEPQIILGDPPEGLSVEMFIAMDPPKHDVQRSS
VQGVVAPKNLKEMEGLIRSRTGDVLDSLPTDKPFNWVPAVSKELTGRMLATLLDFPYEERHKLVEWSDRMAGAASATGGE
FADENAMFDDAADMARSFSRLWRDKEARRAAGEEPGFDLISLLQSNKETKDLINRPMEFIGNLTLLIVGGNDTTRNSMSG
GLVAMNEFPREFEKLKAKPELIPNMVSEIIRWQTPVAYMRRIAKQDVELGGQTIKKGDRVVMWYASGNRDERKFDNPDQF
IIDRKDARNHMSFGYGVHRCMGNRLAELQLRILWEEILKRFDNIEVVEEPERVQSNFGRGYSRLMVKLTPNSLEHHHHHH
;
_entity_poly.pdbx_strand_id   A,B
#
# COMPACT_ATOMS: atom_id res chain seq x y z
N PRO A 50 18.37 15.04 -38.35
CA PRO A 50 18.87 14.68 -37.03
C PRO A 50 18.29 15.57 -35.93
N MET A 51 18.41 15.14 -34.68
CA MET A 51 17.86 15.92 -33.58
C MET A 51 18.79 17.07 -33.26
N PRO A 52 18.33 18.31 -33.33
CA PRO A 52 19.22 19.44 -33.03
C PRO A 52 19.50 19.53 -31.54
N GLU A 53 20.66 20.09 -31.20
CA GLU A 53 21.00 20.25 -29.80
C GLU A 53 20.09 21.27 -29.13
N PHE A 54 19.87 21.08 -27.84
CA PHE A 54 19.14 22.04 -27.04
C PHE A 54 20.12 23.11 -26.55
N VAL A 55 19.83 24.36 -26.87
CA VAL A 55 20.67 25.50 -26.48
C VAL A 55 19.92 26.26 -25.39
N GLU A 56 20.63 26.54 -24.29
CA GLU A 56 19.99 27.14 -23.13
C GLU A 56 19.64 28.60 -23.39
N THR A 57 18.39 28.96 -23.10
CA THR A 57 17.88 30.31 -23.15
C THR A 57 17.14 30.58 -21.85
N PRO A 58 17.00 31.85 -21.46
CA PRO A 58 16.35 32.15 -20.18
C PRO A 58 14.89 31.70 -20.17
N ILE A 59 14.53 30.94 -19.14
CA ILE A 59 13.17 30.47 -18.95
C ILE A 59 12.42 31.55 -18.16
N PRO A 60 11.33 32.08 -18.69
CA PRO A 60 10.62 33.16 -18.00
C PRO A 60 9.78 32.62 -16.85
N ASP A 61 9.32 33.55 -16.02
N ASP A 61 9.31 33.55 -16.01
CA ASP A 61 8.41 33.20 -14.93
CA ASP A 61 8.45 33.16 -14.90
C ASP A 61 7.16 32.54 -15.47
C ASP A 61 7.14 32.59 -15.41
N VAL A 62 6.68 31.52 -14.75
CA VAL A 62 5.54 30.76 -15.24
C VAL A 62 4.25 31.58 -15.27
N ASN A 63 4.17 32.66 -14.49
CA ASN A 63 2.97 33.48 -14.50
C ASN A 63 2.84 34.33 -15.75
N THR A 64 3.94 34.59 -16.45
CA THR A 64 3.89 35.31 -17.72
C THR A 64 3.33 34.46 -18.85
N LEU A 65 3.01 33.19 -18.59
CA LEU A 65 2.60 32.25 -19.62
C LEU A 65 1.11 31.98 -19.53
N ALA A 66 0.46 31.81 -20.68
CA ALA A 66 -0.86 31.23 -20.70
C ALA A 66 -0.77 29.76 -20.29
N LEU A 67 -1.80 29.29 -19.60
CA LEU A 67 -1.80 27.92 -19.09
C LEU A 67 -1.46 26.91 -20.18
N GLU A 68 -2.00 27.10 -21.38
CA GLU A 68 -1.76 26.19 -22.49
C GLU A 68 -0.32 26.21 -22.98
N ASP A 69 0.46 27.23 -22.63
CA ASP A 69 1.81 27.38 -23.15
C ASP A 69 2.89 26.91 -22.18
N ILE A 70 2.51 26.33 -21.03
CA ILE A 70 3.50 25.84 -20.09
C ILE A 70 4.11 24.56 -20.65
N ASP A 71 5.41 24.62 -20.95
CA ASP A 71 6.13 23.49 -21.54
C ASP A 71 7.19 23.03 -20.53
N VAL A 72 6.89 21.94 -19.81
CA VAL A 72 7.82 21.43 -18.80
C VAL A 72 8.79 20.40 -19.35
N SER A 73 8.79 20.15 -20.66
CA SER A 73 9.79 19.30 -21.29
C SER A 73 11.13 20.00 -21.46
N ASN A 74 11.17 21.30 -21.22
CA ASN A 74 12.40 22.09 -21.31
C ASN A 74 13.47 21.46 -20.44
N PRO A 75 14.58 20.98 -21.03
CA PRO A 75 15.60 20.29 -20.23
C PRO A 75 16.45 21.23 -19.37
N PHE A 76 16.15 22.52 -19.36
CA PHE A 76 16.84 23.47 -18.52
C PHE A 76 15.99 23.98 -17.36
N LEU A 77 14.77 23.45 -17.20
CA LEU A 77 13.92 23.86 -16.09
C LEU A 77 14.59 23.59 -14.75
N TYR A 78 15.21 22.41 -14.60
CA TYR A 78 15.84 22.05 -13.34
C TYR A 78 17.07 22.91 -13.08
N ARG A 79 17.93 23.07 -14.08
CA ARG A 79 19.15 23.85 -13.91
C ARG A 79 18.85 25.29 -13.52
N GLN A 80 17.84 25.89 -14.13
CA GLN A 80 17.52 27.30 -13.91
C GLN A 80 16.61 27.52 -12.70
N GLY A 81 16.30 26.46 -11.95
CA GLY A 81 15.51 26.63 -10.74
C GLY A 81 14.10 27.08 -10.96
N GLN A 82 13.50 26.74 -12.11
CA GLN A 82 12.14 27.12 -12.43
C GLN A 82 11.14 25.98 -12.31
N TRP A 83 11.60 24.75 -12.11
CA TRP A 83 10.71 23.60 -12.13
C TRP A 83 9.69 23.67 -11.01
N ARG A 84 10.09 24.15 -9.83
CA ARG A 84 9.17 24.19 -8.69
C ARG A 84 7.99 25.11 -8.97
N ALA A 85 8.25 26.30 -9.52
CA ALA A 85 7.17 27.21 -9.84
C ALA A 85 6.34 26.71 -11.01
N TYR A 86 6.99 26.12 -12.01
CA TYR A 86 6.26 25.60 -13.17
C TYR A 86 5.34 24.45 -12.79
N PHE A 87 5.83 23.52 -11.97
CA PHE A 87 4.99 22.39 -11.59
C PHE A 87 3.95 22.77 -10.56
N LYS A 88 4.24 23.74 -9.69
CA LYS A 88 3.23 24.18 -8.73
C LYS A 88 2.02 24.77 -9.44
N ARG A 89 2.25 25.60 -10.46
CA ARG A 89 1.12 26.15 -11.21
C ARG A 89 0.34 25.06 -11.93
N LEU A 90 1.05 24.06 -12.47
CA LEU A 90 0.36 22.95 -13.11
C LEU A 90 -0.45 22.16 -12.08
N ARG A 91 0.12 21.90 -10.90
CA ARG A 91 -0.62 21.18 -9.88
C ARG A 91 -1.88 21.92 -9.47
N ASP A 92 -1.80 23.26 -9.38
CA ASP A 92 -2.91 24.04 -8.85
C ASP A 92 -3.96 24.35 -9.90
N GLU A 93 -3.57 24.57 -11.16
CA GLU A 93 -4.48 25.07 -12.18
C GLU A 93 -4.78 24.10 -13.29
N ALA A 94 -3.90 23.12 -13.55
CA ALA A 94 -4.11 22.14 -14.62
C ALA A 94 -3.35 20.86 -14.29
N PRO A 95 -3.80 20.12 -13.27
CA PRO A 95 -3.04 18.93 -12.84
C PRO A 95 -2.93 17.87 -13.93
N VAL A 96 -3.84 17.87 -14.89
CA VAL A 96 -3.73 17.03 -16.09
C VAL A 96 -3.67 17.99 -17.27
N HIS A 97 -2.45 18.28 -17.73
CA HIS A 97 -2.19 19.39 -18.64
C HIS A 97 -1.69 18.84 -19.97
N TYR A 98 -2.31 19.25 -21.06
CA TYR A 98 -1.91 18.84 -22.40
C TYR A 98 -1.10 19.96 -23.05
N GLN A 99 0.12 19.65 -23.43
CA GLN A 99 0.97 20.57 -24.20
C GLN A 99 0.99 20.05 -25.63
N LYS A 100 0.38 20.82 -26.54
CA LYS A 100 0.30 20.39 -27.94
C LYS A 100 1.55 20.75 -28.73
N ASN A 101 2.40 21.64 -28.20
CA ASN A 101 3.57 22.12 -28.92
C ASN A 101 4.79 21.97 -28.03
N SER A 102 5.67 21.04 -28.38
CA SER A 102 6.92 20.82 -27.67
C SER A 102 7.91 20.21 -28.65
N PRO A 103 9.22 20.33 -28.39
CA PRO A 103 10.21 19.70 -29.28
C PRO A 103 10.06 18.20 -29.38
N PHE A 104 9.39 17.56 -28.43
CA PHE A 104 9.21 16.11 -28.42
C PHE A 104 7.84 15.68 -28.92
N GLY A 105 7.02 16.62 -29.39
CA GLY A 105 5.66 16.31 -29.76
C GLY A 105 4.71 16.64 -28.62
N PRO A 106 3.42 16.35 -28.81
CA PRO A 106 2.45 16.63 -27.76
C PRO A 106 2.47 15.59 -26.66
N PHE A 107 2.14 16.04 -25.45
CA PHE A 107 2.15 15.13 -24.31
C PHE A 107 1.29 15.72 -23.19
N TRP A 108 0.79 14.82 -22.34
CA TRP A 108 0.09 15.21 -21.13
C TRP A 108 1.06 15.23 -19.96
N SER A 109 0.89 16.20 -19.07
CA SER A 109 1.65 16.29 -17.83
C SER A 109 0.73 16.00 -16.66
N VAL A 110 1.03 14.92 -15.92
CA VAL A 110 0.32 14.58 -14.70
C VAL A 110 1.22 14.96 -13.52
N THR A 111 0.77 15.90 -12.70
CA THR A 111 1.63 16.54 -11.73
C THR A 111 1.23 16.34 -10.27
N ARG A 112 0.01 15.90 -9.99
CA ARG A 112 -0.42 15.69 -8.62
C ARG A 112 -0.07 14.27 -8.15
N PHE A 113 0.31 14.15 -6.88
CA PHE A 113 0.72 12.87 -6.31
C PHE A 113 -0.32 11.78 -6.56
N GLU A 114 -1.59 12.07 -6.27
CA GLU A 114 -2.63 11.04 -6.39
C GLU A 114 -2.85 10.65 -7.83
N ASP A 115 -2.82 11.61 -8.76
CA ASP A 115 -3.03 11.29 -10.16
C ASP A 115 -1.85 10.52 -10.74
N ILE A 116 -0.63 10.80 -10.29
CA ILE A 116 0.52 10.03 -10.72
C ILE A 116 0.42 8.59 -10.22
N LEU A 117 -0.01 8.41 -8.97
CA LEU A 117 -0.26 7.08 -8.43
C LEU A 117 -1.17 6.29 -9.36
N PHE A 118 -2.30 6.89 -9.75
CA PHE A 118 -3.28 6.19 -10.57
C PHE A 118 -2.69 5.78 -11.91
N VAL A 119 -2.02 6.71 -12.59
CA VAL A 119 -1.45 6.41 -13.90
C VAL A 119 -0.38 5.33 -13.80
N ASP A 120 0.47 5.42 -12.78
CA ASP A 120 1.56 4.47 -12.64
C ASP A 120 1.05 3.08 -12.33
N LYS A 121 0.00 2.98 -11.51
CA LYS A 121 -0.56 1.68 -11.13
C LYS A 121 -1.51 1.12 -12.18
N SER A 122 -1.94 1.90 -13.16
CA SER A 122 -2.95 1.47 -14.12
C SER A 122 -2.28 1.04 -15.42
N HIS A 123 -1.57 -0.09 -15.34
CA HIS A 123 -1.02 -0.70 -16.55
C HIS A 123 -2.10 -1.27 -17.45
N ASP A 124 -3.36 -1.32 -16.98
CA ASP A 124 -4.47 -1.66 -17.85
C ASP A 124 -4.90 -0.49 -18.72
N LEU A 125 -4.63 0.74 -18.27
CA LEU A 125 -5.02 1.93 -19.01
C LEU A 125 -3.86 2.66 -19.66
N PHE A 126 -2.66 2.56 -19.10
CA PHE A 126 -1.50 3.28 -19.62
C PHE A 126 -0.38 2.29 -19.88
N SER A 127 0.18 2.34 -21.09
CA SER A 127 1.22 1.43 -21.51
C SER A 127 2.59 2.07 -21.32
N ALA A 128 3.56 1.26 -20.91
CA ALA A 128 4.94 1.70 -20.81
C ALA A 128 5.72 1.53 -22.11
N GLU A 129 5.10 0.94 -23.13
CA GLU A 129 5.66 0.70 -24.45
C GLU A 129 5.39 1.88 -25.38
N PRO A 130 6.30 2.18 -26.30
CA PRO A 130 7.58 1.50 -26.52
C PRO A 130 8.75 2.14 -25.79
N GLN A 131 8.53 3.33 -25.24
CA GLN A 131 9.57 4.07 -24.53
C GLN A 131 8.95 4.73 -23.31
N ILE A 132 9.77 4.93 -22.28
CA ILE A 132 9.33 5.57 -21.05
C ILE A 132 9.92 6.96 -20.87
N ILE A 133 10.77 7.41 -21.79
CA ILE A 133 11.22 8.78 -21.80
C ILE A 133 10.26 9.61 -22.64
N LEU A 134 10.29 10.93 -22.49
CA LEU A 134 9.25 11.78 -23.15
C LEU A 134 9.36 11.70 -24.68
N GLY A 135 10.57 11.83 -25.21
CA GLY A 135 10.76 11.85 -26.66
C GLY A 135 10.93 10.47 -27.25
N ASP A 136 11.88 10.34 -28.16
CA ASP A 136 12.08 9.06 -28.85
C ASP A 136 13.58 8.82 -28.94
N PRO A 137 14.05 7.56 -29.02
CA PRO A 137 15.44 7.33 -29.20
C PRO A 137 15.75 7.58 -30.68
N PRO A 138 17.01 7.86 -31.05
CA PRO A 138 17.36 7.94 -32.47
C PRO A 138 16.87 6.65 -33.14
N GLU A 139 16.32 6.74 -34.36
CA GLU A 139 15.71 5.56 -35.03
C GLU A 139 16.74 4.44 -35.19
N GLY A 140 16.36 3.22 -34.84
CA GLY A 140 17.27 2.06 -34.90
C GLY A 140 17.93 1.82 -33.57
N LEU A 141 17.91 2.81 -32.68
CA LEU A 141 18.62 2.69 -31.42
C LEU A 141 17.72 2.31 -30.25
N SER A 142 16.40 2.25 -30.46
CA SER A 142 15.52 1.80 -29.40
C SER A 142 15.93 0.42 -28.92
N VAL A 143 16.21 0.30 -27.64
CA VAL A 143 16.54 -0.98 -27.03
C VAL A 143 15.32 -1.47 -26.27
N GLU A 144 14.99 -2.75 -26.41
CA GLU A 144 13.85 -3.29 -25.71
C GLU A 144 14.27 -3.61 -24.28
N MET A 145 13.73 -2.84 -23.32
CA MET A 145 13.97 -3.04 -21.90
C MET A 145 12.63 -3.21 -21.21
N PHE A 146 12.59 -4.04 -20.17
CA PHE A 146 11.29 -4.32 -19.57
C PHE A 146 10.73 -3.13 -18.79
N ILE A 147 11.54 -2.09 -18.54
CA ILE A 147 10.98 -0.86 -17.99
C ILE A 147 9.99 -0.26 -18.97
N ALA A 148 10.16 -0.52 -20.26
CA ALA A 148 9.24 -0.09 -21.31
C ALA A 148 8.48 -1.27 -21.90
N MET A 149 8.06 -2.19 -21.04
CA MET A 149 7.30 -3.36 -21.44
C MET A 149 6.06 -3.49 -20.56
N ASP A 150 4.97 -3.93 -21.16
CA ASP A 150 3.76 -4.17 -20.39
C ASP A 150 3.71 -5.61 -19.92
N PRO A 151 2.96 -5.89 -18.85
CA PRO A 151 2.70 -7.28 -18.48
C PRO A 151 1.96 -7.98 -19.60
N PRO A 152 2.10 -9.32 -19.70
CA PRO A 152 2.89 -10.19 -18.81
C PRO A 152 4.36 -10.32 -19.19
N LYS A 153 4.73 -9.85 -20.39
CA LYS A 153 6.11 -9.96 -20.83
C LYS A 153 7.06 -9.22 -19.88
N HIS A 154 6.61 -8.09 -19.33
CA HIS A 154 7.43 -7.38 -18.35
C HIS A 154 7.70 -8.25 -17.12
N ASP A 155 6.67 -8.96 -16.64
CA ASP A 155 6.83 -9.75 -15.42
C ASP A 155 7.80 -10.91 -15.63
N VAL A 156 7.73 -11.56 -16.79
CA VAL A 156 8.63 -12.68 -17.08
C VAL A 156 10.08 -12.23 -17.05
N GLN A 157 10.38 -11.12 -17.73
CA GLN A 157 11.77 -10.67 -17.84
C GLN A 157 12.28 -10.09 -16.53
N ARG A 158 11.45 -9.31 -15.83
CA ARG A 158 11.87 -8.77 -14.54
C ARG A 158 12.14 -9.88 -13.54
N SER A 159 11.28 -10.91 -13.53
CA SER A 159 11.46 -12.03 -12.60
C SER A 159 12.78 -12.75 -12.84
N SER A 160 13.26 -12.77 -14.08
CA SER A 160 14.50 -13.47 -14.41
C SER A 160 15.75 -12.71 -13.99
N VAL A 161 15.63 -11.47 -13.52
CA VAL A 161 16.80 -10.67 -13.19
C VAL A 161 16.68 -10.09 -11.78
N GLN A 162 15.48 -10.12 -11.20
CA GLN A 162 15.26 -9.43 -9.94
C GLN A 162 16.00 -10.08 -8.78
N GLY A 163 16.47 -11.32 -8.95
CA GLY A 163 17.24 -11.98 -7.90
C GLY A 163 18.56 -11.30 -7.57
N VAL A 164 19.08 -10.48 -8.50
CA VAL A 164 20.35 -9.81 -8.25
C VAL A 164 20.23 -8.76 -7.15
N VAL A 165 19.03 -8.29 -6.87
CA VAL A 165 18.79 -7.35 -5.78
C VAL A 165 17.91 -7.96 -4.70
N ALA A 166 17.82 -9.29 -4.66
CA ALA A 166 17.14 -9.97 -3.57
C ALA A 166 17.86 -9.65 -2.25
N PRO A 167 17.14 -9.68 -1.12
CA PRO A 167 17.75 -9.26 0.15
C PRO A 167 18.99 -10.06 0.52
N LYS A 168 18.96 -11.38 0.34
CA LYS A 168 20.14 -12.20 0.64
C LYS A 168 21.32 -11.80 -0.25
N ASN A 169 21.04 -11.49 -1.52
CA ASN A 169 22.13 -11.12 -2.43
C ASN A 169 22.67 -9.73 -2.12
N LEU A 170 21.83 -8.83 -1.60
CA LEU A 170 22.31 -7.51 -1.21
C LEU A 170 23.19 -7.57 0.03
N LYS A 171 22.83 -8.43 0.99
CA LYS A 171 23.66 -8.59 2.19
C LYS A 171 25.03 -9.13 1.84
N GLU A 172 25.13 -9.97 0.81
CA GLU A 172 26.43 -10.44 0.34
C GLU A 172 27.28 -9.32 -0.23
N MET A 173 26.65 -8.22 -0.67
CA MET A 173 27.37 -7.09 -1.23
C MET A 173 27.68 -6.00 -0.22
N GLU A 174 27.12 -6.07 0.98
CA GLU A 174 27.24 -4.96 1.94
C GLU A 174 28.69 -4.67 2.30
N GLY A 175 29.48 -5.72 2.54
CA GLY A 175 30.86 -5.50 2.95
C GLY A 175 31.68 -4.78 1.89
N LEU A 176 31.53 -5.18 0.63
CA LEU A 176 32.26 -4.51 -0.44
C LEU A 176 31.79 -3.07 -0.62
N ILE A 177 30.49 -2.83 -0.50
CA ILE A 177 29.98 -1.46 -0.62
C ILE A 177 30.54 -0.58 0.50
N ARG A 178 30.49 -1.08 1.74
CA ARG A 178 31.02 -0.30 2.85
C ARG A 178 32.53 -0.14 2.76
N SER A 179 33.23 -1.16 2.26
CA SER A 179 34.68 -1.07 2.09
C SER A 179 35.03 0.01 1.08
N ARG A 180 34.36 0.00 -0.08
CA ARG A 180 34.64 1.00 -1.10
C ARG A 180 34.23 2.40 -0.65
N THR A 181 33.09 2.51 0.04
CA THR A 181 32.66 3.82 0.53
C THR A 181 33.68 4.42 1.49
N GLY A 182 34.15 3.63 2.45
CA GLY A 182 35.19 4.10 3.35
C GLY A 182 36.49 4.43 2.64
N ASP A 183 36.87 3.59 1.67
CA ASP A 183 38.10 3.83 0.92
C ASP A 183 38.01 5.08 0.07
N VAL A 184 36.81 5.46 -0.37
CA VAL A 184 36.67 6.69 -1.15
C VAL A 184 36.64 7.91 -0.24
N LEU A 185 35.93 7.82 0.89
CA LEU A 185 35.78 8.98 1.77
C LEU A 185 37.10 9.37 2.42
N ASP A 186 37.89 8.39 2.86
CA ASP A 186 39.17 8.70 3.51
C ASP A 186 40.15 9.36 2.54
N SER A 187 40.10 9.00 1.27
CA SER A 187 40.99 9.56 0.26
C SER A 187 40.61 10.99 -0.13
N LEU A 188 39.53 11.54 0.40
CA LEU A 188 39.11 12.88 0.05
C LEU A 188 39.97 13.92 0.78
N PRO A 189 40.30 15.03 0.13
CA PRO A 189 41.06 16.08 0.82
C PRO A 189 40.18 16.82 1.81
N THR A 190 40.81 17.23 2.92
CA THR A 190 40.11 17.95 3.98
C THR A 190 40.59 19.38 4.15
N ASP A 191 41.65 19.80 3.45
CA ASP A 191 42.18 21.14 3.56
C ASP A 191 41.73 22.06 2.43
N LYS A 192 41.02 21.54 1.44
CA LYS A 192 40.60 22.33 0.28
C LYS A 192 39.30 21.77 -0.25
N PRO A 193 38.48 22.58 -0.91
CA PRO A 193 37.28 22.05 -1.56
C PRO A 193 37.62 21.20 -2.77
N PHE A 194 36.68 20.34 -3.12
CA PHE A 194 36.84 19.41 -4.23
C PHE A 194 35.47 19.14 -4.85
N ASN A 195 35.48 18.70 -6.10
CA ASN A 195 34.23 18.38 -6.80
C ASN A 195 33.75 17.01 -6.33
N TRP A 196 32.62 17.00 -5.62
CA TRP A 196 32.10 15.78 -5.02
C TRP A 196 31.56 14.79 -6.05
N VAL A 197 31.15 15.27 -7.22
CA VAL A 197 30.47 14.41 -8.20
C VAL A 197 31.42 13.35 -8.76
N PRO A 198 32.60 13.71 -9.33
CA PRO A 198 33.50 12.66 -9.82
C PRO A 198 34.23 11.95 -8.69
N ALA A 199 34.47 12.67 -7.59
CA ALA A 199 35.28 12.12 -6.51
C ALA A 199 34.54 11.03 -5.75
N VAL A 200 33.24 11.22 -5.49
CA VAL A 200 32.50 10.29 -4.66
C VAL A 200 31.35 9.66 -5.44
N SER A 201 30.44 10.48 -5.95
CA SER A 201 29.19 9.98 -6.52
C SER A 201 29.47 9.09 -7.73
N LYS A 202 30.23 9.58 -8.71
CA LYS A 202 30.53 8.78 -9.88
C LYS A 202 31.46 7.62 -9.55
N GLU A 203 32.41 7.85 -8.63
CA GLU A 203 33.37 6.80 -8.30
C GLU A 203 32.67 5.60 -7.67
N LEU A 204 31.86 5.84 -6.64
CA LEU A 204 31.15 4.72 -5.99
C LEU A 204 30.12 4.10 -6.93
N THR A 205 29.48 4.92 -7.77
CA THR A 205 28.48 4.38 -8.69
C THR A 205 29.12 3.47 -9.73
N GLY A 206 30.24 3.91 -10.32
CA GLY A 206 30.91 3.09 -11.32
C GLY A 206 31.35 1.74 -10.78
N ARG A 207 31.84 1.72 -9.53
CA ARG A 207 32.22 0.44 -8.92
C ARG A 207 31.01 -0.45 -8.68
N MET A 208 29.90 0.14 -8.21
CA MET A 208 28.69 -0.65 -7.99
C MET A 208 28.21 -1.31 -9.27
N LEU A 209 28.19 -0.55 -10.37
CA LEU A 209 27.76 -1.10 -11.65
C LEU A 209 28.67 -2.24 -12.10
N ALA A 210 29.97 -2.10 -11.87
CA ALA A 210 30.89 -3.18 -12.22
C ALA A 210 30.60 -4.43 -11.40
N THR A 211 30.31 -4.26 -10.11
CA THR A 211 29.99 -5.40 -9.26
C THR A 211 28.72 -6.10 -9.72
N LEU A 212 27.72 -5.33 -10.17
CA LEU A 212 26.45 -5.91 -10.57
C LEU A 212 26.58 -6.82 -11.78
N LEU A 213 27.50 -6.50 -12.70
CA LEU A 213 27.69 -7.29 -13.91
C LEU A 213 28.93 -8.15 -13.90
N ASP A 214 29.71 -8.10 -12.81
CA ASP A 214 31.05 -8.69 -12.81
C ASP A 214 31.88 -8.14 -13.96
N PHE A 215 31.65 -6.88 -14.29
CA PHE A 215 32.36 -6.23 -15.38
C PHE A 215 33.83 -6.05 -14.99
N PRO A 216 34.74 -6.08 -15.99
CA PRO A 216 36.15 -5.77 -15.70
C PRO A 216 36.31 -4.46 -14.95
N TYR A 217 36.92 -4.53 -13.76
CA TYR A 217 36.97 -3.37 -12.87
C TYR A 217 37.61 -2.17 -13.54
N GLU A 218 38.70 -2.39 -14.29
CA GLU A 218 39.39 -1.27 -14.93
C GLU A 218 38.64 -0.73 -16.14
N GLU A 219 37.58 -1.40 -16.60
CA GLU A 219 36.75 -0.93 -17.69
C GLU A 219 35.38 -0.44 -17.21
N ARG A 220 35.20 -0.27 -15.91
CA ARG A 220 33.90 0.11 -15.38
C ARG A 220 33.45 1.47 -15.90
N HIS A 221 34.39 2.34 -16.26
CA HIS A 221 34.04 3.65 -16.82
C HIS A 221 33.25 3.52 -18.11
N LYS A 222 33.40 2.42 -18.84
CA LYS A 222 32.61 2.21 -20.05
C LYS A 222 31.13 2.09 -19.72
N LEU A 223 30.80 1.41 -18.62
CA LEU A 223 29.40 1.27 -18.22
C LEU A 223 28.77 2.64 -17.93
N VAL A 224 29.52 3.52 -17.28
CA VAL A 224 29.02 4.86 -16.99
C VAL A 224 28.86 5.65 -18.29
N GLU A 225 29.87 5.59 -19.17
CA GLU A 225 29.82 6.34 -20.41
C GLU A 225 28.69 5.85 -21.32
N TRP A 226 28.52 4.53 -21.43
CA TRP A 226 27.43 4.00 -22.24
C TRP A 226 26.07 4.42 -21.66
N SER A 227 25.94 4.39 -20.33
CA SER A 227 24.68 4.77 -19.71
C SER A 227 24.41 6.25 -19.84
N ASP A 228 25.44 7.09 -19.70
CA ASP A 228 25.25 8.53 -19.82
C ASP A 228 24.76 8.92 -21.20
N ARG A 229 25.45 8.46 -22.25
CA ARG A 229 25.02 8.78 -23.61
C ARG A 229 23.63 8.25 -23.91
N MET A 230 23.28 7.10 -23.33
CA MET A 230 21.96 6.53 -23.57
C MET A 230 20.87 7.36 -22.91
N ALA A 231 21.05 7.69 -21.63
CA ALA A 231 20.05 8.48 -20.92
C ALA A 231 20.09 9.95 -21.32
N GLY A 232 21.17 10.42 -21.93
CA GLY A 232 21.31 11.82 -22.28
C GLY A 232 21.06 12.15 -23.74
N ALA A 233 20.38 11.26 -24.45
CA ALA A 233 20.07 11.52 -25.86
C ALA A 233 19.14 12.71 -25.99
N ALA A 234 19.56 13.68 -26.80
CA ALA A 234 18.78 14.90 -26.96
C ALA A 234 17.37 14.62 -27.46
N SER A 235 17.23 13.63 -28.34
CA SER A 235 15.91 13.30 -28.86
C SER A 235 15.02 12.67 -27.80
N ALA A 236 15.62 12.01 -26.81
CA ALA A 236 14.86 11.32 -25.78
C ALA A 236 14.54 12.22 -24.59
N THR A 237 15.57 12.89 -24.04
CA THR A 237 15.43 13.60 -22.79
C THR A 237 15.86 15.07 -22.88
N GLY A 238 16.21 15.55 -24.06
CA GLY A 238 16.78 16.87 -24.15
C GLY A 238 18.18 16.99 -23.58
N GLY A 239 18.85 15.86 -23.36
CA GLY A 239 20.22 15.88 -22.89
C GLY A 239 21.17 16.40 -23.94
N GLU A 240 22.45 16.41 -23.59
CA GLU A 240 23.47 17.04 -24.41
C GLU A 240 24.09 16.10 -25.45
N PHE A 241 23.71 14.82 -25.45
CA PHE A 241 24.25 13.86 -26.41
C PHE A 241 23.38 13.88 -27.67
N ALA A 242 23.94 14.41 -28.76
CA ALA A 242 23.22 14.52 -30.02
C ALA A 242 23.91 13.79 -31.17
N ASP A 243 25.06 13.16 -30.93
CA ASP A 243 25.78 12.42 -31.96
C ASP A 243 25.20 11.02 -32.03
N GLU A 244 24.38 10.77 -33.06
CA GLU A 244 23.77 9.45 -33.23
C GLU A 244 24.79 8.40 -33.67
N ASN A 245 25.89 8.81 -34.30
CA ASN A 245 26.91 7.86 -34.74
C ASN A 245 27.59 7.21 -33.54
N ALA A 246 27.94 8.00 -32.52
CA ALA A 246 28.56 7.44 -31.34
C ALA A 246 27.60 6.54 -30.57
N MET A 247 26.30 6.78 -30.68
CA MET A 247 25.32 5.93 -30.03
C MET A 247 25.26 4.56 -30.69
N PHE A 248 25.42 4.51 -32.01
CA PHE A 248 25.51 3.23 -32.71
C PHE A 248 26.83 2.54 -32.40
N ASP A 249 27.91 3.31 -32.26
CA ASP A 249 29.20 2.75 -31.87
C ASP A 249 29.13 2.11 -30.49
N ASP A 250 28.57 2.84 -29.52
CA ASP A 250 28.46 2.31 -28.16
C ASP A 250 27.60 1.06 -28.13
N ALA A 251 26.48 1.06 -28.87
CA ALA A 251 25.61 -0.11 -28.92
C ALA A 251 26.35 -1.31 -29.47
N ALA A 252 27.22 -1.10 -30.46
CA ALA A 252 28.03 -2.20 -30.99
C ALA A 252 29.07 -2.65 -29.97
N ASP A 253 29.77 -1.71 -29.34
CA ASP A 253 30.72 -2.05 -28.31
C ASP A 253 30.04 -2.73 -27.12
N MET A 254 28.82 -2.30 -26.80
CA MET A 254 28.08 -2.92 -25.70
C MET A 254 27.77 -4.39 -26.00
N ALA A 255 27.27 -4.67 -27.19
CA ALA A 255 26.96 -6.04 -27.57
C ALA A 255 28.20 -6.92 -27.52
N ARG A 256 29.30 -6.45 -28.12
CA ARG A 256 30.55 -7.21 -28.12
C ARG A 256 31.06 -7.45 -26.70
N SER A 257 31.10 -6.39 -25.88
CA SER A 257 31.67 -6.52 -24.54
C SER A 257 30.79 -7.36 -23.63
N PHE A 258 29.47 -7.21 -23.73
CA PHE A 258 28.58 -8.02 -22.91
C PHE A 258 28.61 -9.48 -23.35
N SER A 259 28.72 -9.73 -24.65
CA SER A 259 28.82 -11.10 -25.15
C SER A 259 30.12 -11.76 -24.69
N ARG A 260 31.24 -11.05 -24.82
CA ARG A 260 32.51 -11.57 -24.32
C ARG A 260 32.43 -11.82 -22.82
N LEU A 261 31.73 -10.96 -22.09
CA LEU A 261 31.55 -11.19 -20.65
C LEU A 261 30.72 -12.44 -20.39
N TRP A 262 29.69 -12.68 -21.21
CA TRP A 262 28.88 -13.88 -21.08
C TRP A 262 29.72 -15.13 -21.30
N ARG A 263 30.53 -15.14 -22.37
CA ARG A 263 31.42 -16.28 -22.62
C ARG A 263 32.39 -16.48 -21.48
N ASP A 264 33.06 -15.42 -21.04
CA ASP A 264 34.07 -15.53 -19.99
C ASP A 264 33.46 -16.10 -18.72
N LYS A 265 32.28 -15.62 -18.33
CA LYS A 265 31.62 -16.13 -17.14
C LYS A 265 31.18 -17.58 -17.33
N GLU A 266 30.70 -17.92 -18.52
CA GLU A 266 30.30 -19.30 -18.79
C GLU A 266 31.49 -20.23 -18.75
N ALA A 267 32.61 -19.83 -19.36
CA ALA A 267 33.83 -20.63 -19.29
C ALA A 267 34.31 -20.77 -17.85
N ARG A 268 34.34 -19.65 -17.12
CA ARG A 268 34.70 -19.69 -15.70
C ARG A 268 33.74 -20.57 -14.92
N ARG A 269 32.44 -20.52 -15.24
CA ARG A 269 31.48 -21.38 -14.56
C ARG A 269 31.73 -22.85 -14.89
N ALA A 270 31.98 -23.15 -16.18
CA ALA A 270 32.25 -24.53 -16.56
C ALA A 270 33.54 -25.05 -15.94
N ALA A 271 34.45 -24.15 -15.56
CA ALA A 271 35.71 -24.53 -14.92
C ALA A 271 35.59 -24.67 -13.41
N GLY A 272 34.39 -24.54 -12.85
CA GLY A 272 34.18 -24.75 -11.44
C GLY A 272 34.36 -23.52 -10.56
N GLU A 273 34.46 -22.33 -11.14
CA GLU A 273 34.56 -21.12 -10.35
C GLU A 273 33.27 -20.88 -9.59
N GLU A 274 33.38 -20.59 -8.30
CA GLU A 274 32.20 -20.39 -7.46
C GLU A 274 31.33 -19.28 -8.05
N PRO A 275 30.02 -19.49 -8.19
CA PRO A 275 29.17 -18.45 -8.77
C PRO A 275 29.09 -17.23 -7.88
N GLY A 276 29.26 -16.06 -8.48
CA GLY A 276 29.20 -14.81 -7.75
C GLY A 276 27.77 -14.36 -7.51
N PHE A 277 27.65 -13.13 -7.02
CA PHE A 277 26.36 -12.50 -6.79
C PHE A 277 25.97 -11.52 -7.89
N ASP A 278 26.67 -11.55 -9.02
CA ASP A 278 26.38 -10.64 -10.12
C ASP A 278 25.20 -11.15 -10.95
N LEU A 279 24.70 -10.27 -11.82
CA LEU A 279 23.57 -10.64 -12.66
C LEU A 279 23.91 -11.78 -13.60
N ILE A 280 25.10 -11.73 -14.21
CA ILE A 280 25.51 -12.76 -15.16
C ILE A 280 25.55 -14.13 -14.49
N SER A 281 26.22 -14.21 -13.34
CA SER A 281 26.24 -15.46 -12.57
C SER A 281 24.83 -15.95 -12.27
N LEU A 282 23.94 -15.03 -11.87
CA LEU A 282 22.57 -15.42 -11.57
C LEU A 282 21.85 -15.92 -12.82
N LEU A 283 22.04 -15.25 -13.95
CA LEU A 283 21.35 -15.65 -15.17
C LEU A 283 21.80 -17.02 -15.64
N GLN A 284 23.08 -17.34 -15.47
CA GLN A 284 23.62 -18.63 -15.88
C GLN A 284 23.42 -19.73 -14.85
N SER A 285 22.74 -19.43 -13.74
CA SER A 285 22.45 -20.42 -12.72
C SER A 285 20.98 -20.85 -12.71
N ASN A 286 20.17 -20.33 -13.63
CA ASN A 286 18.75 -20.66 -13.71
C ASN A 286 18.46 -21.26 -15.08
N LYS A 287 17.63 -22.32 -15.08
CA LYS A 287 17.36 -23.05 -16.32
C LYS A 287 16.76 -22.15 -17.39
N GLU A 288 15.88 -21.22 -16.99
CA GLU A 288 15.16 -20.42 -17.96
C GLU A 288 16.05 -19.39 -18.67
N THR A 289 17.16 -19.00 -18.06
CA THR A 289 18.04 -17.97 -18.64
C THR A 289 19.44 -18.49 -18.94
N LYS A 290 19.66 -19.80 -18.86
CA LYS A 290 20.98 -20.35 -19.20
C LYS A 290 21.34 -20.09 -20.65
N ASP A 291 20.34 -19.96 -21.53
CA ASP A 291 20.54 -19.75 -22.96
C ASP A 291 20.20 -18.33 -23.39
N LEU A 292 20.27 -17.37 -22.46
CA LEU A 292 19.81 -16.02 -22.74
C LEU A 292 20.60 -15.36 -23.87
N ILE A 293 21.86 -15.79 -24.06
CA ILE A 293 22.68 -15.26 -25.15
C ILE A 293 22.04 -15.54 -26.51
N ASN A 294 21.22 -16.60 -26.57
CA ASN A 294 20.50 -16.92 -27.83
C ASN A 294 19.38 -15.88 -28.01
N ARG A 295 19.16 -15.04 -27.00
CA ARG A 295 18.15 -13.96 -27.09
C ARG A 295 18.88 -12.63 -26.89
N PRO A 296 19.62 -12.12 -27.91
CA PRO A 296 20.43 -10.90 -27.74
C PRO A 296 19.66 -9.74 -27.12
N MET A 297 18.38 -9.58 -27.47
CA MET A 297 17.63 -8.42 -26.97
C MET A 297 17.23 -8.57 -25.52
N GLU A 298 16.72 -9.74 -25.13
CA GLU A 298 16.51 -9.98 -23.71
C GLU A 298 17.84 -9.88 -22.98
N PHE A 299 18.91 -10.32 -23.62
CA PHE A 299 20.23 -10.24 -23.00
C PHE A 299 20.71 -8.80 -22.90
N ILE A 300 20.88 -8.12 -24.03
CA ILE A 300 21.44 -6.74 -24.00
C ILE A 300 20.48 -5.80 -23.28
N GLY A 301 19.19 -5.91 -23.56
CA GLY A 301 18.21 -5.04 -22.91
C GLY A 301 18.23 -5.16 -21.40
N ASN A 302 18.27 -6.40 -20.91
CA ASN A 302 18.28 -6.59 -19.45
C ASN A 302 19.56 -6.04 -18.84
N LEU A 303 20.70 -6.28 -19.49
CA LEU A 303 21.96 -5.77 -18.96
C LEU A 303 22.07 -4.27 -19.15
N THR A 304 21.54 -3.74 -20.25
CA THR A 304 21.59 -2.30 -20.47
C THR A 304 20.67 -1.57 -19.48
N LEU A 305 19.49 -2.13 -19.22
CA LEU A 305 18.58 -1.51 -18.27
C LEU A 305 19.18 -1.47 -16.86
N LEU A 306 19.93 -2.50 -16.48
CA LEU A 306 20.51 -2.54 -15.14
C LEU A 306 21.51 -1.43 -14.94
N ILE A 307 22.36 -1.16 -15.93
CA ILE A 307 23.40 -0.15 -15.74
C ILE A 307 22.85 1.26 -15.92
N VAL A 308 21.94 1.46 -16.88
CA VAL A 308 21.31 2.76 -17.02
C VAL A 308 20.38 3.02 -15.84
N GLY A 309 19.74 1.97 -15.33
CA GLY A 309 18.86 2.13 -14.19
C GLY A 309 19.57 2.61 -12.94
N GLY A 310 20.81 2.18 -12.74
CA GLY A 310 21.57 2.51 -11.55
C GLY A 310 22.66 3.54 -11.68
N ASN A 311 22.87 4.10 -12.87
CA ASN A 311 24.02 4.98 -13.08
C ASN A 311 23.87 6.38 -12.48
N ASP A 312 22.99 7.21 -13.04
CA ASP A 312 22.92 8.59 -12.59
C ASP A 312 21.87 8.71 -11.49
N THR A 313 21.00 7.70 -11.34
CA THR A 313 20.11 7.67 -10.18
C THR A 313 20.92 7.61 -8.89
N THR A 314 21.77 6.59 -8.77
CA THR A 314 22.64 6.46 -7.60
C THR A 314 23.56 7.67 -7.47
N ARG A 315 24.17 8.09 -8.57
CA ARG A 315 25.10 9.21 -8.54
C ARG A 315 24.43 10.47 -8.00
N ASN A 316 23.24 10.80 -8.50
CA ASN A 316 22.58 12.03 -8.11
C ASN A 316 21.90 11.93 -6.76
N SER A 317 21.54 10.71 -6.32
CA SER A 317 21.10 10.53 -4.94
C SER A 317 22.23 10.81 -3.96
N MET A 318 23.46 10.41 -4.32
CA MET A 318 24.59 10.62 -3.43
C MET A 318 24.99 12.08 -3.37
N SER A 319 24.89 12.79 -4.49
CA SER A 319 25.16 14.22 -4.50
C SER A 319 24.01 15.03 -3.89
N GLY A 320 22.77 14.62 -4.17
CA GLY A 320 21.62 15.39 -3.73
C GLY A 320 21.49 15.50 -2.23
N GLY A 321 21.93 14.48 -1.50
CA GLY A 321 21.87 14.55 -0.04
C GLY A 321 22.71 15.69 0.52
N LEU A 322 23.88 15.93 -0.07
CA LEU A 322 24.71 17.05 0.37
C LEU A 322 24.08 18.39 0.02
N VAL A 323 23.37 18.47 -1.11
CA VAL A 323 22.71 19.71 -1.48
C VAL A 323 21.56 20.01 -0.52
N ALA A 324 20.80 18.98 -0.14
CA ALA A 324 19.74 19.15 0.84
C ALA A 324 20.30 19.54 2.20
N MET A 325 21.39 18.89 2.63
CA MET A 325 22.03 19.24 3.88
C MET A 325 22.50 20.69 3.88
N ASN A 326 22.96 21.17 2.72
CA ASN A 326 23.42 22.55 2.63
C ASN A 326 22.26 23.53 2.73
N GLU A 327 21.13 23.20 2.10
CA GLU A 327 19.97 24.08 2.13
C GLU A 327 19.22 24.02 3.46
N PHE A 328 19.42 22.97 4.25
CA PHE A 328 18.73 22.80 5.53
C PHE A 328 19.72 22.22 6.53
N PRO A 329 20.65 23.04 7.03
CA PRO A 329 21.74 22.50 7.87
C PRO A 329 21.28 22.05 9.25
N ARG A 330 20.13 22.52 9.74
CA ARG A 330 19.63 21.99 11.01
C ARG A 330 19.36 20.50 10.93
N GLU A 331 19.14 19.96 9.73
CA GLU A 331 18.94 18.52 9.57
C GLU A 331 20.23 17.75 9.74
N PHE A 332 21.38 18.39 9.45
CA PHE A 332 22.66 17.71 9.69
C PHE A 332 22.95 17.64 11.18
N GLU A 333 22.66 18.72 11.92
CA GLU A 333 22.75 18.66 13.37
C GLU A 333 21.80 17.63 13.95
N LYS A 334 20.56 17.60 13.45
CA LYS A 334 19.61 16.59 13.88
C LYS A 334 20.09 15.18 13.56
N LEU A 335 20.79 15.02 12.44
CA LEU A 335 21.26 13.69 12.05
C LEU A 335 22.40 13.23 12.94
N LYS A 336 23.37 14.11 13.20
CA LYS A 336 24.49 13.74 14.06
C LYS A 336 24.03 13.44 15.48
N ALA A 337 23.00 14.14 15.96
CA ALA A 337 22.48 13.88 17.30
C ALA A 337 21.69 12.58 17.36
N LYS A 338 21.08 12.17 16.25
CA LYS A 338 20.28 10.94 16.19
C LYS A 338 20.61 10.19 14.92
N PRO A 339 21.77 9.50 14.89
CA PRO A 339 22.17 8.76 13.68
C PRO A 339 21.20 7.65 13.29
N GLU A 340 20.31 7.25 14.19
CA GLU A 340 19.29 6.24 13.86
C GLU A 340 18.32 6.72 12.78
N LEU A 341 18.36 8.02 12.44
CA LEU A 341 17.48 8.59 11.44
C LEU A 341 17.96 8.36 10.01
N ILE A 342 19.13 7.75 9.82
CA ILE A 342 19.69 7.61 8.47
C ILE A 342 18.75 6.86 7.52
N PRO A 343 18.17 5.72 7.89
CA PRO A 343 17.25 5.05 6.95
C PRO A 343 16.11 5.94 6.48
N ASN A 344 15.48 6.68 7.40
CA ASN A 344 14.42 7.60 6.99
C ASN A 344 14.97 8.80 6.25
N MET A 345 16.17 9.26 6.61
CA MET A 345 16.79 10.36 5.88
C MET A 345 17.08 9.97 4.44
N VAL A 346 17.53 8.73 4.21
CA VAL A 346 17.79 8.26 2.86
C VAL A 346 16.52 8.37 2.01
N SER A 347 15.38 7.96 2.56
CA SER A 347 14.11 8.14 1.86
C SER A 347 13.83 9.62 1.61
N GLU A 348 14.14 10.48 2.58
CA GLU A 348 13.88 11.91 2.41
C GLU A 348 14.85 12.53 1.41
N ILE A 349 16.10 12.08 1.40
CA ILE A 349 17.04 12.50 0.35
C ILE A 349 16.47 12.14 -1.02
N ILE A 350 15.97 10.91 -1.15
CA ILE A 350 15.47 10.42 -2.44
C ILE A 350 14.19 11.15 -2.82
N ARG A 351 13.32 11.46 -1.86
CA ARG A 351 12.12 12.24 -2.15
C ARG A 351 12.48 13.65 -2.59
N TRP A 352 13.36 14.32 -1.83
CA TRP A 352 13.66 15.72 -2.10
C TRP A 352 14.39 15.88 -3.42
N GLN A 353 15.37 15.02 -3.68
CA GLN A 353 16.11 15.10 -4.95
C GLN A 353 15.27 14.63 -6.12
N THR A 354 14.56 13.51 -5.96
CA THR A 354 13.81 12.85 -7.02
C THR A 354 14.70 12.70 -8.25
N PRO A 355 15.65 11.76 -8.24
CA PRO A 355 16.65 11.71 -9.31
C PRO A 355 16.07 11.46 -10.68
N VAL A 356 14.94 10.78 -10.78
CA VAL A 356 14.27 10.55 -12.06
C VAL A 356 13.04 11.44 -12.08
N ALA A 357 13.02 12.41 -12.99
CA ALA A 357 11.96 13.42 -12.97
C ALA A 357 10.61 12.85 -13.34
N TYR A 358 10.57 11.83 -14.20
CA TYR A 358 9.30 11.36 -14.71
C TYR A 358 9.45 9.97 -15.30
N MET A 359 8.31 9.34 -15.56
CA MET A 359 8.19 8.19 -16.45
C MET A 359 7.03 8.46 -17.40
N ARG A 360 7.20 8.10 -18.67
CA ARG A 360 6.22 8.40 -19.69
C ARG A 360 5.39 7.15 -19.99
N ARG A 361 4.11 7.35 -20.28
CA ARG A 361 3.19 6.29 -20.64
C ARG A 361 2.44 6.68 -21.89
N ILE A 362 1.73 5.71 -22.47
CA ILE A 362 0.83 5.94 -23.59
C ILE A 362 -0.52 5.37 -23.23
N ALA A 363 -1.58 6.16 -23.41
CA ALA A 363 -2.92 5.73 -23.07
C ALA A 363 -3.38 4.64 -24.03
N LYS A 364 -3.66 3.45 -23.48
CA LYS A 364 -4.21 2.37 -24.28
C LYS A 364 -5.62 2.68 -24.75
N GLN A 365 -6.32 3.59 -24.07
CA GLN A 365 -7.69 3.93 -24.38
C GLN A 365 -7.95 5.36 -23.96
N ASP A 366 -9.12 5.87 -24.31
CA ASP A 366 -9.55 7.15 -23.75
C ASP A 366 -9.71 7.02 -22.24
N VAL A 367 -9.18 7.98 -21.50
CA VAL A 367 -9.18 7.93 -20.04
C VAL A 367 -9.53 9.31 -19.50
N GLU A 368 -10.55 9.38 -18.65
CA GLU A 368 -10.88 10.61 -17.95
C GLU A 368 -10.02 10.72 -16.69
N LEU A 369 -9.36 11.87 -16.53
CA LEU A 369 -8.48 12.07 -15.39
C LEU A 369 -8.30 13.56 -15.15
N GLY A 370 -8.46 13.98 -13.90
CA GLY A 370 -8.29 15.39 -13.56
C GLY A 370 -9.25 16.32 -14.28
N GLY A 371 -10.42 15.83 -14.65
CA GLY A 371 -11.36 16.63 -15.41
C GLY A 371 -11.04 16.75 -16.88
N GLN A 372 -10.05 16.00 -17.37
CA GLN A 372 -9.64 16.05 -18.75
C GLN A 372 -9.80 14.67 -19.38
N THR A 373 -9.83 14.64 -20.71
CA THR A 373 -9.98 13.40 -21.47
C THR A 373 -8.67 13.10 -22.17
N ILE A 374 -7.90 12.17 -21.62
CA ILE A 374 -6.69 11.71 -22.27
C ILE A 374 -7.08 10.77 -23.40
N LYS A 375 -6.68 11.10 -24.63
CA LYS A 375 -7.09 10.33 -25.79
C LYS A 375 -6.19 9.12 -25.98
N LYS A 376 -6.76 8.06 -26.55
CA LYS A 376 -6.00 6.85 -26.84
C LYS A 376 -4.81 7.18 -27.74
N GLY A 377 -3.63 6.69 -27.34
CA GLY A 377 -2.41 6.94 -28.08
C GLY A 377 -1.62 8.15 -27.59
N ASP A 378 -2.25 9.04 -26.82
CA ASP A 378 -1.55 10.20 -26.30
C ASP A 378 -0.43 9.79 -25.35
N ARG A 379 0.64 10.57 -25.35
CA ARG A 379 1.71 10.38 -24.40
C ARG A 379 1.38 11.07 -23.08
N VAL A 380 1.61 10.36 -21.98
CA VAL A 380 1.29 10.84 -20.65
C VAL A 380 2.57 10.78 -19.80
N VAL A 381 2.94 11.91 -19.22
CA VAL A 381 4.17 12.04 -18.44
C VAL A 381 3.81 12.15 -16.98
N MET A 382 4.29 11.20 -16.17
CA MET A 382 4.06 11.20 -14.72
C MET A 382 5.23 11.92 -14.06
N TRP A 383 4.99 13.16 -13.60
CA TRP A 383 6.06 14.02 -13.09
C TRP A 383 6.28 13.73 -11.60
N TYR A 384 7.07 12.69 -11.33
CA TYR A 384 7.44 12.35 -9.95
C TYR A 384 8.03 13.55 -9.22
N ALA A 385 8.86 14.34 -9.91
CA ALA A 385 9.45 15.53 -9.29
C ALA A 385 8.38 16.50 -8.81
N SER A 386 7.24 16.53 -9.49
CA SER A 386 6.12 17.35 -9.04
C SER A 386 5.35 16.66 -7.93
N GLY A 387 5.05 15.37 -8.10
CA GLY A 387 4.33 14.62 -7.08
C GLY A 387 4.99 14.68 -5.72
N ASN A 388 6.33 14.56 -5.68
CA ASN A 388 7.04 14.60 -4.42
C ASN A 388 7.05 15.98 -3.78
N ARG A 389 6.67 17.02 -4.52
CA ARG A 389 6.52 18.36 -3.99
C ARG A 389 5.06 18.76 -3.84
N ASP A 390 4.14 17.81 -4.00
CA ASP A 390 2.71 18.08 -3.87
C ASP A 390 2.38 18.23 -2.39
N GLU A 391 1.98 19.45 -1.99
CA GLU A 391 1.62 19.68 -0.59
C GLU A 391 0.32 18.98 -0.20
N ARG A 392 -0.47 18.53 -1.17
CA ARG A 392 -1.60 17.66 -0.87
C ARG A 392 -1.17 16.33 -0.28
N LYS A 393 0.10 15.95 -0.48
CA LYS A 393 0.65 14.72 0.07
C LYS A 393 1.66 14.96 1.18
N PHE A 394 2.58 15.91 0.99
CA PHE A 394 3.64 16.18 1.95
C PHE A 394 3.47 17.59 2.49
N ASP A 395 3.32 17.72 3.81
CA ASP A 395 3.37 19.03 4.43
C ASP A 395 4.78 19.62 4.27
N ASN A 396 4.83 20.92 3.99
CA ASN A 396 6.07 21.63 3.70
C ASN A 396 6.92 20.83 2.70
N PRO A 397 6.40 20.60 1.49
CA PRO A 397 7.05 19.62 0.60
C PRO A 397 8.40 20.05 0.08
N ASP A 398 8.67 21.35 -0.01
CA ASP A 398 9.97 21.83 -0.47
C ASP A 398 11.04 21.79 0.60
N GLN A 399 10.69 21.36 1.81
CA GLN A 399 11.62 21.37 2.94
C GLN A 399 12.22 19.98 3.14
N PHE A 400 13.52 19.95 3.40
CA PHE A 400 14.24 18.71 3.67
C PHE A 400 14.13 18.41 5.16
N ILE A 401 13.31 17.43 5.51
CA ILE A 401 13.05 17.07 6.90
C ILE A 401 13.39 15.59 7.03
N ILE A 402 14.54 15.29 7.64
CA ILE A 402 15.06 13.93 7.63
C ILE A 402 14.21 12.97 8.46
N ASP A 403 13.44 13.46 9.43
CA ASP A 403 12.55 12.63 10.20
C ASP A 403 11.10 12.76 9.76
N ARG A 404 10.89 13.14 8.49
CA ARG A 404 9.54 13.23 7.93
C ARG A 404 8.84 11.88 8.05
N LYS A 405 7.67 11.88 8.67
CA LYS A 405 6.99 10.62 9.02
C LYS A 405 6.69 9.79 7.77
N ASP A 406 6.27 10.43 6.68
CA ASP A 406 5.86 9.74 5.47
C ASP A 406 6.88 9.89 4.34
N ALA A 407 8.17 10.01 4.69
CA ALA A 407 9.22 10.05 3.68
C ALA A 407 9.21 8.78 2.83
N ARG A 408 8.92 7.63 3.45
CA ARG A 408 8.90 6.36 2.72
C ARG A 408 7.82 6.32 1.65
N ASN A 409 6.82 7.19 1.73
CA ASN A 409 5.73 7.19 0.75
C ASN A 409 6.07 7.91 -0.55
N HIS A 410 7.29 8.39 -0.71
CA HIS A 410 7.67 9.13 -1.91
C HIS A 410 7.46 8.28 -3.15
N MET A 411 7.36 8.96 -4.30
CA MET A 411 7.19 8.29 -5.58
C MET A 411 8.43 8.46 -6.46
N SER A 412 9.60 8.63 -5.86
CA SER A 412 10.83 8.72 -6.65
C SER A 412 11.16 7.39 -7.30
N PHE A 413 10.70 6.29 -6.73
CA PHE A 413 10.84 4.96 -7.34
C PHE A 413 9.64 4.60 -8.20
N GLY A 414 8.65 5.48 -8.29
CA GLY A 414 7.41 5.14 -8.96
C GLY A 414 6.58 4.18 -8.13
N TYR A 415 5.47 3.73 -8.73
CA TYR A 415 4.60 2.75 -8.12
C TYR A 415 4.00 1.88 -9.21
N GLY A 416 3.47 0.74 -8.81
CA GLY A 416 2.94 -0.21 -9.76
C GLY A 416 3.96 -1.26 -10.15
N VAL A 417 3.69 -1.91 -11.28
CA VAL A 417 4.51 -3.04 -11.71
C VAL A 417 5.93 -2.63 -12.06
N HIS A 418 6.16 -1.35 -12.41
CA HIS A 418 7.48 -0.88 -12.80
C HIS A 418 8.26 -0.24 -11.66
N ARG A 419 7.73 -0.27 -10.44
CA ARG A 419 8.41 0.37 -9.31
C ARG A 419 9.84 -0.13 -9.21
N CYS A 420 10.77 0.82 -9.04
CA CYS A 420 12.21 0.60 -9.16
C CYS A 420 12.65 -0.73 -8.58
N MET A 421 13.27 -1.55 -9.44
CA MET A 421 13.76 -2.86 -9.00
C MET A 421 14.98 -2.72 -8.10
N GLY A 422 15.80 -1.70 -8.33
CA GLY A 422 17.03 -1.51 -7.56
C GLY A 422 16.86 -0.61 -6.36
N ASN A 423 15.62 -0.39 -5.93
CA ASN A 423 15.36 0.58 -4.86
C ASN A 423 16.08 0.22 -3.57
N ARG A 424 16.11 -1.08 -3.23
CA ARG A 424 16.79 -1.49 -2.01
C ARG A 424 18.30 -1.33 -2.14
N LEU A 425 18.85 -1.60 -3.33
CA LEU A 425 20.28 -1.35 -3.54
C LEU A 425 20.59 0.13 -3.47
N ALA A 426 19.73 0.97 -4.04
CA ALA A 426 19.92 2.41 -3.97
C ALA A 426 19.89 2.90 -2.52
N GLU A 427 18.90 2.45 -1.76
CA GLU A 427 18.81 2.85 -0.36
C GLU A 427 20.00 2.31 0.44
N LEU A 428 20.47 1.11 0.09
CA LEU A 428 21.61 0.52 0.80
C LEU A 428 22.87 1.35 0.59
N GLN A 429 23.13 1.75 -0.65
CA GLN A 429 24.32 2.56 -0.93
C GLN A 429 24.25 3.90 -0.20
N LEU A 430 23.08 4.55 -0.20
CA LEU A 430 22.95 5.83 0.48
C LEU A 430 23.08 5.68 1.99
N ARG A 431 22.51 4.63 2.56
CA ARG A 431 22.63 4.42 4.00
C ARG A 431 24.08 4.22 4.40
N ILE A 432 24.81 3.40 3.64
CA ILE A 432 26.22 3.15 3.95
C ILE A 432 27.04 4.42 3.77
N LEU A 433 26.76 5.19 2.72
CA LEU A 433 27.50 6.42 2.47
C LEU A 433 27.39 7.38 3.64
N TRP A 434 26.18 7.55 4.17
CA TRP A 434 25.99 8.51 5.26
C TRP A 434 26.41 7.94 6.61
N GLU A 435 26.33 6.62 6.79
CA GLU A 435 26.94 6.01 7.97
C GLU A 435 28.44 6.27 7.99
N GLU A 436 29.11 6.10 6.85
CA GLU A 436 30.55 6.34 6.77
C GLU A 436 30.88 7.84 6.78
N ILE A 437 29.94 8.69 6.41
CA ILE A 437 30.17 10.13 6.51
C ILE A 437 30.15 10.58 7.97
N LEU A 438 29.21 10.06 8.76
CA LEU A 438 29.13 10.43 10.16
C LEU A 438 30.35 9.95 10.95
N LYS A 439 30.92 8.80 10.56
CA LYS A 439 32.10 8.29 11.24
C LYS A 439 33.29 9.22 11.09
N ARG A 440 33.37 9.98 10.00
CA ARG A 440 34.58 10.69 9.61
C ARG A 440 34.48 12.20 9.72
N PHE A 441 33.33 12.79 9.42
CA PHE A 441 33.25 14.23 9.20
C PHE A 441 32.30 14.88 10.19
N ASP A 442 32.74 16.02 10.74
CA ASP A 442 31.93 16.81 11.65
C ASP A 442 31.05 17.81 10.93
N ASN A 443 31.41 18.19 9.70
CA ASN A 443 30.61 19.13 8.92
C ASN A 443 30.98 18.98 7.45
N ILE A 444 29.99 19.18 6.59
CA ILE A 444 30.17 19.15 5.14
C ILE A 444 29.55 20.41 4.57
N GLU A 445 30.35 21.22 3.87
CA GLU A 445 29.90 22.51 3.37
C GLU A 445 30.01 22.55 1.85
N VAL A 446 28.92 22.96 1.20
CA VAL A 446 28.91 23.21 -0.24
C VAL A 446 29.34 24.66 -0.45
N VAL A 447 30.52 24.84 -1.01
CA VAL A 447 31.16 26.16 -1.07
C VAL A 447 30.97 26.84 -2.43
N GLU A 448 30.05 26.34 -3.25
CA GLU A 448 29.83 26.92 -4.57
C GLU A 448 28.46 26.52 -5.07
N GLU A 449 27.88 27.37 -5.90
CA GLU A 449 26.58 27.08 -6.49
C GLU A 449 26.70 25.84 -7.37
N PRO A 450 25.96 24.76 -7.07
CA PRO A 450 26.11 23.54 -7.87
C PRO A 450 25.71 23.76 -9.32
N GLU A 451 26.37 23.03 -10.21
CA GLU A 451 26.02 23.00 -11.62
C GLU A 451 25.15 21.78 -11.89
N ARG A 452 24.03 21.98 -12.57
CA ARG A 452 23.02 20.95 -12.74
C ARG A 452 22.99 20.45 -14.19
N VAL A 453 22.66 19.18 -14.34
CA VAL A 453 22.75 18.53 -15.64
C VAL A 453 21.61 18.97 -16.55
N GLN A 454 21.91 19.09 -17.84
CA GLN A 454 20.90 19.39 -18.85
C GLN A 454 20.12 18.12 -19.17
N SER A 455 18.84 18.11 -18.82
CA SER A 455 17.92 16.99 -19.06
C SER A 455 16.55 17.31 -18.49
N ASN A 456 15.50 16.76 -19.09
CA ASN A 456 14.17 16.82 -18.49
C ASN A 456 13.85 15.53 -17.73
N PHE A 457 14.74 14.54 -17.80
CA PHE A 457 14.54 13.20 -17.25
C PHE A 457 15.34 12.96 -15.99
N GLY A 458 16.66 13.19 -16.04
CA GLY A 458 17.49 13.06 -14.86
C GLY A 458 17.66 14.40 -14.18
N ARG A 459 17.50 14.40 -12.86
CA ARG A 459 17.71 15.59 -12.03
C ARG A 459 18.99 15.35 -11.25
N GLY A 460 20.07 16.00 -11.67
CA GLY A 460 21.37 15.72 -11.08
C GLY A 460 22.33 16.87 -11.18
N TYR A 461 23.54 16.63 -10.68
CA TYR A 461 24.58 17.65 -10.57
C TYR A 461 25.82 17.14 -11.27
N SER A 462 26.43 18.01 -12.09
CA SER A 462 27.72 17.71 -12.70
C SER A 462 28.89 18.30 -11.93
N ARG A 463 28.63 19.25 -11.03
CA ARG A 463 29.67 19.87 -10.23
C ARG A 463 29.10 20.21 -8.87
N LEU A 464 29.77 19.78 -7.81
CA LEU A 464 29.34 20.02 -6.43
C LEU A 464 30.60 20.22 -5.58
N MET A 465 31.01 21.47 -5.42
CA MET A 465 32.23 21.80 -4.70
C MET A 465 31.96 21.70 -3.20
N VAL A 466 32.71 20.83 -2.52
CA VAL A 466 32.45 20.47 -1.14
C VAL A 466 33.72 20.63 -0.32
N LYS A 467 33.60 21.25 0.84
CA LYS A 467 34.69 21.37 1.81
C LYS A 467 34.34 20.53 3.03
N LEU A 468 35.23 19.60 3.37
CA LEU A 468 34.99 18.67 4.47
C LEU A 468 35.73 19.13 5.74
N THR A 469 35.07 18.94 6.88
CA THR A 469 35.68 19.21 8.18
C THR A 469 35.65 17.94 9.01
N PRO A 470 36.78 17.27 9.21
CA PRO A 470 36.79 16.04 10.02
C PRO A 470 36.51 16.34 11.49
N ASN A 471 36.27 15.28 12.24
CA ASN A 471 35.95 15.40 13.66
C ASN A 471 37.18 15.15 14.54
N PRO B 50 -6.29 16.51 4.28
CA PRO B 50 -7.26 15.43 4.41
C PRO B 50 -6.82 14.14 3.72
N MET B 51 -7.48 13.04 4.04
CA MET B 51 -7.11 11.75 3.49
C MET B 51 -7.59 11.63 2.05
N PRO B 52 -6.71 11.37 1.09
CA PRO B 52 -7.16 11.23 -0.30
C PRO B 52 -7.92 9.92 -0.50
N GLU B 53 -8.82 9.94 -1.47
CA GLU B 53 -9.65 8.79 -1.76
C GLU B 53 -8.80 7.67 -2.39
N PHE B 54 -9.18 6.43 -2.09
CA PHE B 54 -8.54 5.27 -2.69
C PHE B 54 -9.20 4.96 -4.04
N VAL B 55 -8.40 4.92 -5.10
CA VAL B 55 -8.87 4.63 -6.45
C VAL B 55 -8.38 3.25 -6.83
N GLU B 56 -9.29 2.42 -7.34
CA GLU B 56 -8.95 1.02 -7.61
C GLU B 56 -8.06 0.91 -8.85
N THR B 57 -6.98 0.16 -8.71
CA THR B 57 -6.05 -0.17 -9.79
C THR B 57 -5.82 -1.66 -9.77
N PRO B 58 -5.42 -2.24 -10.90
CA PRO B 58 -5.22 -3.70 -10.95
C PRO B 58 -4.12 -4.13 -10.00
N ILE B 59 -4.44 -5.10 -9.14
CA ILE B 59 -3.47 -5.67 -8.20
C ILE B 59 -2.75 -6.81 -8.91
N PRO B 60 -1.44 -6.78 -9.01
CA PRO B 60 -0.72 -7.83 -9.74
C PRO B 60 -0.60 -9.10 -8.91
N ASP B 61 -0.16 -10.16 -9.59
N ASP B 61 -0.16 -10.16 -9.59
CA ASP B 61 0.09 -11.43 -8.92
CA ASP B 61 0.05 -11.42 -8.90
C ASP B 61 1.16 -11.24 -7.85
C ASP B 61 1.17 -11.31 -7.89
N VAL B 62 0.95 -11.88 -6.70
CA VAL B 62 1.86 -11.73 -5.57
C VAL B 62 3.27 -12.26 -5.88
N ASN B 63 3.41 -13.15 -6.86
CA ASN B 63 4.71 -13.68 -7.20
C ASN B 63 5.57 -12.69 -7.98
N THR B 64 4.95 -11.70 -8.63
CA THR B 64 5.70 -10.65 -9.31
C THR B 64 6.31 -9.65 -8.33
N LEU B 65 6.07 -9.80 -7.03
CA LEU B 65 6.50 -8.84 -6.03
C LEU B 65 7.67 -9.39 -5.23
N ALA B 66 8.60 -8.51 -4.87
CA ALA B 66 9.57 -8.84 -3.84
C ALA B 66 8.88 -8.96 -2.50
N LEU B 67 9.39 -9.88 -1.66
CA LEU B 67 8.77 -10.14 -0.37
C LEU B 67 8.51 -8.86 0.42
N GLU B 68 9.49 -7.94 0.42
CA GLU B 68 9.36 -6.70 1.16
C GLU B 68 8.30 -5.77 0.60
N ASP B 69 7.82 -6.01 -0.63
CA ASP B 69 6.88 -5.11 -1.28
C ASP B 69 5.44 -5.58 -1.20
N ILE B 70 5.16 -6.68 -0.49
CA ILE B 70 3.79 -7.14 -0.35
C ILE B 70 3.06 -6.21 0.61
N ASP B 71 2.05 -5.51 0.09
CA ASP B 71 1.25 -4.56 0.87
C ASP B 71 -0.18 -5.08 0.90
N VAL B 72 -0.55 -5.71 2.02
CA VAL B 72 -1.89 -6.28 2.15
C VAL B 72 -2.88 -5.29 2.76
N SER B 73 -2.47 -4.05 2.99
CA SER B 73 -3.39 -3.01 3.42
C SER B 73 -4.26 -2.49 2.29
N ASN B 74 -3.96 -2.87 1.05
CA ASN B 74 -4.73 -2.48 -0.13
C ASN B 74 -6.20 -2.84 0.08
N PRO B 75 -7.10 -1.85 0.11
CA PRO B 75 -8.52 -2.16 0.37
C PRO B 75 -9.25 -2.80 -0.79
N PHE B 76 -8.56 -3.12 -1.88
CA PHE B 76 -9.15 -3.82 -3.01
C PHE B 76 -8.67 -5.25 -3.15
N LEU B 77 -7.85 -5.73 -2.20
CA LEU B 77 -7.38 -7.11 -2.23
C LEU B 77 -8.54 -8.09 -2.21
N TYR B 78 -9.53 -7.84 -1.34
CA TYR B 78 -10.66 -8.74 -1.22
C TYR B 78 -11.54 -8.70 -2.47
N ARG B 79 -11.86 -7.50 -2.96
CA ARG B 79 -12.71 -7.37 -4.13
C ARG B 79 -12.11 -8.04 -5.35
N GLN B 80 -10.80 -7.90 -5.55
CA GLN B 80 -10.15 -8.43 -6.74
C GLN B 80 -9.73 -9.89 -6.59
N GLY B 81 -10.09 -10.53 -5.48
CA GLY B 81 -9.83 -11.95 -5.33
C GLY B 81 -8.36 -12.30 -5.23
N GLN B 82 -7.53 -11.38 -4.73
CA GLN B 82 -6.11 -11.60 -4.60
C GLN B 82 -5.65 -11.86 -3.17
N TRP B 83 -6.54 -11.70 -2.19
CA TRP B 83 -6.12 -11.79 -0.79
C TRP B 83 -5.60 -13.18 -0.45
N ARG B 84 -6.21 -14.24 -0.99
CA ARG B 84 -5.80 -15.59 -0.65
C ARG B 84 -4.36 -15.86 -1.07
N ALA B 85 -4.01 -15.46 -2.31
CA ALA B 85 -2.65 -15.67 -2.78
C ALA B 85 -1.66 -14.78 -2.04
N TYR B 86 -2.06 -13.54 -1.74
CA TYR B 86 -1.17 -12.64 -1.02
C TYR B 86 -0.89 -13.13 0.38
N PHE B 87 -1.92 -13.59 1.09
CA PHE B 87 -1.72 -14.04 2.46
C PHE B 87 -1.06 -15.42 2.52
N LYS B 88 -1.31 -16.28 1.54
CA LYS B 88 -0.64 -17.57 1.52
C LYS B 88 0.87 -17.42 1.40
N ARG B 89 1.33 -16.53 0.51
CA ARG B 89 2.76 -16.32 0.39
C ARG B 89 3.34 -15.73 1.67
N LEU B 90 2.60 -14.82 2.32
CA LEU B 90 3.06 -14.30 3.60
C LEU B 90 3.12 -15.40 4.65
N ARG B 91 2.10 -16.27 4.71
CA ARG B 91 2.13 -17.36 5.67
C ARG B 91 3.33 -18.28 5.44
N ASP B 92 3.68 -18.52 4.17
CA ASP B 92 4.71 -19.49 3.86
C ASP B 92 6.11 -18.90 3.95
N GLU B 93 6.28 -17.63 3.58
CA GLU B 93 7.61 -17.06 3.43
C GLU B 93 7.94 -15.95 4.42
N ALA B 94 6.94 -15.27 4.99
CA ALA B 94 7.18 -14.19 5.95
C ALA B 94 5.96 -14.06 6.86
N PRO B 95 5.73 -15.05 7.74
CA PRO B 95 4.52 -15.03 8.58
C PRO B 95 4.48 -13.84 9.52
N VAL B 96 5.62 -13.24 9.83
CA VAL B 96 5.69 -11.99 10.56
C VAL B 96 6.39 -11.01 9.62
N HIS B 97 5.61 -10.22 8.89
CA HIS B 97 6.09 -9.45 7.76
C HIS B 97 5.94 -7.97 8.04
N TYR B 98 7.02 -7.21 7.86
CA TYR B 98 7.02 -5.77 8.07
C TYR B 98 6.89 -5.08 6.72
N GLN B 99 5.84 -4.28 6.56
CA GLN B 99 5.68 -3.43 5.39
C GLN B 99 6.02 -2.02 5.82
N LYS B 100 7.14 -1.48 5.31
CA LYS B 100 7.57 -0.16 5.71
C LYS B 100 6.90 0.95 4.91
N ASN B 101 6.27 0.62 3.79
CA ASN B 101 5.68 1.62 2.90
C ASN B 101 4.24 1.25 2.60
N SER B 102 3.31 2.02 3.14
CA SER B 102 1.88 1.83 2.87
C SER B 102 1.19 3.18 3.06
N PRO B 103 0.01 3.37 2.46
CA PRO B 103 -0.72 4.63 2.69
C PRO B 103 -1.08 4.87 4.14
N PHE B 104 -1.08 3.83 4.98
CA PHE B 104 -1.43 3.96 6.38
C PHE B 104 -0.20 4.03 7.29
N GLY B 105 1.00 4.05 6.72
CA GLY B 105 2.21 4.00 7.49
C GLY B 105 2.76 2.58 7.54
N PRO B 106 3.85 2.38 8.26
CA PRO B 106 4.44 1.04 8.37
C PRO B 106 3.68 0.18 9.36
N PHE B 107 3.69 -1.13 9.09
CA PHE B 107 2.97 -2.06 9.97
C PHE B 107 3.50 -3.47 9.76
N TRP B 108 3.32 -4.30 10.79
CA TRP B 108 3.61 -5.71 10.73
C TRP B 108 2.35 -6.49 10.38
N SER B 109 2.50 -7.53 9.56
CA SER B 109 1.42 -8.45 9.23
C SER B 109 1.71 -9.81 9.86
N VAL B 110 0.83 -10.24 10.76
CA VAL B 110 0.89 -11.57 11.35
C VAL B 110 -0.21 -12.41 10.71
N THR B 111 0.18 -13.46 10.00
CA THR B 111 -0.74 -14.17 9.11
C THR B 111 -0.98 -15.63 9.47
N ARG B 112 -0.17 -16.24 10.32
CA ARG B 112 -0.37 -17.64 10.69
C ARG B 112 -1.30 -17.74 11.90
N PHE B 113 -2.13 -18.78 11.89
CA PHE B 113 -3.13 -18.97 12.95
C PHE B 113 -2.52 -18.92 14.35
N GLU B 114 -1.42 -19.66 14.55
CA GLU B 114 -0.84 -19.74 15.89
C GLU B 114 -0.23 -18.41 16.32
N ASP B 115 0.41 -17.70 15.40
CA ASP B 115 1.01 -16.42 15.75
C ASP B 115 -0.05 -15.37 16.03
N ILE B 116 -1.18 -15.42 15.33
CA ILE B 116 -2.29 -14.51 15.62
C ILE B 116 -2.85 -14.80 17.01
N LEU B 117 -3.00 -16.08 17.35
CA LEU B 117 -3.41 -16.47 18.69
C LEU B 117 -2.55 -15.81 19.75
N PHE B 118 -1.22 -15.92 19.59
CA PHE B 118 -0.31 -15.38 20.60
C PHE B 118 -0.46 -13.87 20.72
N VAL B 119 -0.51 -13.16 19.59
CA VAL B 119 -0.61 -11.70 19.63
C VAL B 119 -1.93 -11.28 20.25
N ASP B 120 -3.02 -11.95 19.87
CA ASP B 120 -4.34 -11.57 20.36
C ASP B 120 -4.47 -11.81 21.86
N LYS B 121 -3.88 -12.91 22.36
CA LYS B 121 -3.95 -13.25 23.76
C LYS B 121 -2.93 -12.51 24.62
N SER B 122 -1.95 -11.85 24.01
CA SER B 122 -0.86 -11.23 24.75
C SER B 122 -1.10 -9.73 24.90
N HIS B 123 -2.13 -9.40 25.70
CA HIS B 123 -2.36 -8.00 26.04
C HIS B 123 -1.29 -7.45 26.97
N ASP B 124 -0.39 -8.30 27.48
CA ASP B 124 0.78 -7.82 28.20
C ASP B 124 1.88 -7.34 27.26
N LEU B 125 1.90 -7.83 26.02
CA LEU B 125 2.90 -7.45 25.03
C LEU B 125 2.36 -6.55 23.93
N PHE B 126 1.07 -6.64 23.61
CA PHE B 126 0.47 -5.90 22.52
C PHE B 126 -0.73 -5.12 23.03
N SER B 127 -0.76 -3.83 22.75
CA SER B 127 -1.82 -2.94 23.20
C SER B 127 -2.86 -2.77 22.11
N ALA B 128 -4.12 -2.70 22.53
CA ALA B 128 -5.22 -2.42 21.61
C ALA B 128 -5.48 -0.92 21.46
N GLU B 129 -4.77 -0.09 22.20
CA GLU B 129 -4.84 1.36 22.21
C GLU B 129 -3.87 1.94 21.19
N PRO B 130 -4.23 3.06 20.53
CA PRO B 130 -5.49 3.80 20.70
C PRO B 130 -6.56 3.42 19.68
N GLN B 131 -6.18 2.66 18.65
CA GLN B 131 -7.09 2.25 17.60
C GLN B 131 -6.78 0.81 17.21
N ILE B 132 -7.81 0.11 16.74
CA ILE B 132 -7.66 -1.28 16.30
C ILE B 132 -7.79 -1.43 14.80
N ILE B 133 -8.03 -0.34 14.07
CA ILE B 133 -7.98 -0.37 12.62
C ILE B 133 -6.55 -0.05 12.19
N LEU B 134 -6.23 -0.37 10.93
CA LEU B 134 -4.84 -0.26 10.47
C LEU B 134 -4.38 1.19 10.44
N GLY B 135 -5.21 2.08 9.89
CA GLY B 135 -4.82 3.47 9.78
C GLY B 135 -5.17 4.28 11.02
N ASP B 136 -5.75 5.44 10.78
CA ASP B 136 -6.08 6.33 11.91
C ASP B 136 -7.40 7.00 11.59
N PRO B 137 -8.17 7.44 12.58
CA PRO B 137 -9.37 8.17 12.28
C PRO B 137 -8.95 9.60 11.97
N PRO B 138 -9.78 10.40 11.28
CA PRO B 138 -9.49 11.82 11.08
C PRO B 138 -9.25 12.47 12.45
N GLU B 139 -8.23 13.32 12.57
CA GLU B 139 -7.87 13.90 13.90
C GLU B 139 -9.09 14.59 14.51
N GLY B 140 -9.42 14.27 15.75
CA GLY B 140 -10.61 14.82 16.41
C GLY B 140 -11.78 13.86 16.37
N LEU B 141 -11.78 12.94 15.41
CA LEU B 141 -12.92 12.02 15.23
C LEU B 141 -12.58 10.66 15.83
N SER B 142 -11.53 10.59 16.66
CA SER B 142 -11.27 9.31 17.36
C SER B 142 -12.30 9.13 18.47
N VAL B 143 -13.04 8.02 18.47
CA VAL B 143 -13.99 7.72 19.59
C VAL B 143 -13.32 6.69 20.47
N GLU B 144 -13.36 6.91 21.77
CA GLU B 144 -12.80 5.93 22.73
C GLU B 144 -13.79 4.78 22.88
N MET B 145 -13.36 3.59 22.48
CA MET B 145 -14.23 2.39 22.56
C MET B 145 -13.40 1.29 23.22
N PHE B 146 -14.00 0.47 24.09
CA PHE B 146 -13.18 -0.47 24.83
C PHE B 146 -12.62 -1.58 23.95
N ILE B 147 -13.08 -1.70 22.70
CA ILE B 147 -12.39 -2.60 21.76
C ILE B 147 -10.96 -2.12 21.54
N ALA B 148 -10.71 -0.82 21.70
CA ALA B 148 -9.39 -0.24 21.61
C ALA B 148 -8.90 0.24 22.98
N MET B 149 -9.15 -0.55 24.01
CA MET B 149 -8.73 -0.25 25.38
C MET B 149 -8.01 -1.45 25.96
N ASP B 150 -6.99 -1.19 26.76
CA ASP B 150 -6.28 -2.25 27.44
C ASP B 150 -6.90 -2.50 28.81
N PRO B 151 -6.72 -3.70 29.36
CA PRO B 151 -7.11 -3.92 30.75
C PRO B 151 -6.30 -3.03 31.67
N PRO B 152 -6.84 -2.68 32.85
CA PRO B 152 -8.14 -3.12 33.38
C PRO B 152 -9.32 -2.26 32.96
N LYS B 153 -9.04 -1.08 32.37
CA LYS B 153 -10.12 -0.19 31.95
C LYS B 153 -11.03 -0.87 30.95
N HIS B 154 -10.47 -1.71 30.08
CA HIS B 154 -11.30 -2.47 29.14
C HIS B 154 -12.29 -3.38 29.87
N ASP B 155 -11.83 -4.06 30.92
CA ASP B 155 -12.68 -5.02 31.61
C ASP B 155 -13.83 -4.32 32.33
N VAL B 156 -13.55 -3.16 32.93
CA VAL B 156 -14.60 -2.43 33.64
C VAL B 156 -15.72 -2.03 32.69
N GLN B 157 -15.36 -1.49 31.52
CA GLN B 157 -16.37 -1.01 30.60
C GLN B 157 -17.09 -2.16 29.90
N ARG B 158 -16.34 -3.19 29.49
CA ARG B 158 -16.99 -4.33 28.85
C ARG B 158 -17.95 -5.04 29.81
N SER B 159 -17.57 -5.18 31.08
CA SER B 159 -18.44 -5.82 32.06
C SER B 159 -19.75 -5.05 32.24
N SER B 160 -19.71 -3.73 32.07
CA SER B 160 -20.89 -2.92 32.27
C SER B 160 -21.89 -3.00 31.13
N VAL B 161 -21.55 -3.66 30.02
CA VAL B 161 -22.44 -3.71 28.87
C VAL B 161 -22.66 -5.14 28.40
N GLN B 162 -21.82 -6.08 28.85
CA GLN B 162 -21.87 -7.44 28.30
C GLN B 162 -23.15 -8.17 28.67
N GLY B 163 -23.89 -7.69 29.66
CA GLY B 163 -25.15 -8.30 30.02
C GLY B 163 -26.19 -8.24 28.92
N VAL B 164 -26.05 -7.32 27.96
CA VAL B 164 -27.01 -7.20 26.87
C VAL B 164 -26.96 -8.43 25.95
N VAL B 165 -25.85 -9.16 25.94
CA VAL B 165 -25.72 -10.38 25.17
C VAL B 165 -25.55 -11.60 26.08
N ALA B 166 -25.92 -11.47 27.34
CA ALA B 166 -25.96 -12.63 28.22
C ALA B 166 -26.96 -13.65 27.68
N PRO B 167 -26.76 -14.93 27.99
CA PRO B 167 -27.64 -15.96 27.37
C PRO B 167 -29.12 -15.78 27.70
N LYS B 168 -29.44 -15.43 28.94
CA LYS B 168 -30.84 -15.19 29.30
C LYS B 168 -31.43 -14.04 28.49
N ASN B 169 -30.64 -12.99 28.28
CA ASN B 169 -31.14 -11.83 27.55
C ASN B 169 -31.28 -12.12 26.05
N LEU B 170 -30.42 -13.01 25.52
CA LEU B 170 -30.55 -13.40 24.12
C LEU B 170 -31.77 -14.27 23.89
N LYS B 171 -32.07 -15.17 24.83
CA LYS B 171 -33.27 -16.00 24.71
C LYS B 171 -34.53 -15.15 24.71
N GLU B 172 -34.51 -14.03 25.46
CA GLU B 172 -35.63 -13.09 25.41
C GLU B 172 -35.77 -12.42 24.05
N MET B 173 -34.70 -12.38 23.26
CA MET B 173 -34.72 -11.78 21.93
C MET B 173 -34.99 -12.77 20.82
N GLU B 174 -34.97 -14.08 21.12
CA GLU B 174 -35.04 -15.09 20.07
C GLU B 174 -36.34 -14.99 19.28
N GLY B 175 -37.46 -14.80 19.96
CA GLY B 175 -38.74 -14.77 19.26
C GLY B 175 -38.84 -13.61 18.28
N LEU B 176 -38.37 -12.43 18.67
CA LEU B 176 -38.40 -11.28 17.77
C LEU B 176 -37.47 -11.49 16.57
N ILE B 177 -36.30 -12.08 16.81
CA ILE B 177 -35.36 -12.34 15.71
C ILE B 177 -35.98 -13.32 14.72
N ARG B 178 -36.56 -14.42 15.22
CA ARG B 178 -37.17 -15.39 14.32
C ARG B 178 -38.38 -14.80 13.61
N SER B 179 -39.13 -13.94 14.29
CA SER B 179 -40.29 -13.31 13.66
C SER B 179 -39.87 -12.41 12.51
N ARG B 180 -38.86 -11.57 12.74
CA ARG B 180 -38.39 -10.66 11.69
C ARG B 180 -37.75 -11.43 10.54
N THR B 181 -36.97 -12.48 10.86
CA THR B 181 -36.35 -13.28 9.81
C THR B 181 -37.39 -13.92 8.90
N GLY B 182 -38.41 -14.54 9.50
CA GLY B 182 -39.48 -15.10 8.69
C GLY B 182 -40.25 -14.03 7.94
N ASP B 183 -40.50 -12.89 8.58
CA ASP B 183 -41.19 -11.79 7.93
C ASP B 183 -40.36 -11.19 6.80
N VAL B 184 -39.04 -11.31 6.85
CA VAL B 184 -38.24 -10.84 5.71
C VAL B 184 -38.19 -11.88 4.60
N LEU B 185 -38.05 -13.17 4.96
CA LEU B 185 -37.89 -14.20 3.94
C LEU B 185 -39.15 -14.42 3.12
N ASP B 186 -40.32 -14.42 3.76
CA ASP B 186 -41.57 -14.63 3.03
C ASP B 186 -41.84 -13.51 2.03
N SER B 187 -41.43 -12.28 2.37
CA SER B 187 -41.62 -11.11 1.51
C SER B 187 -40.66 -11.09 0.33
N LEU B 188 -39.76 -12.05 0.24
CA LEU B 188 -38.83 -12.05 -0.88
C LEU B 188 -39.51 -12.60 -2.13
N PRO B 189 -39.23 -12.03 -3.29
CA PRO B 189 -39.80 -12.56 -4.53
C PRO B 189 -39.14 -13.88 -4.91
N THR B 190 -39.95 -14.77 -5.50
CA THR B 190 -39.48 -16.06 -5.94
C THR B 190 -39.52 -16.22 -7.45
N ASP B 191 -40.06 -15.23 -8.18
CA ASP B 191 -40.15 -15.29 -9.63
C ASP B 191 -39.04 -14.54 -10.34
N LYS B 192 -38.19 -13.82 -9.60
CA LYS B 192 -37.13 -13.04 -10.21
C LYS B 192 -35.96 -12.97 -9.24
N PRO B 193 -34.74 -12.78 -9.74
CA PRO B 193 -33.60 -12.55 -8.84
C PRO B 193 -33.70 -11.18 -8.18
N PHE B 194 -33.02 -11.05 -7.04
CA PHE B 194 -33.04 -9.83 -6.26
C PHE B 194 -31.72 -9.69 -5.53
N ASN B 195 -31.42 -8.44 -5.14
CA ASN B 195 -30.18 -8.16 -4.41
C ASN B 195 -30.39 -8.54 -2.95
N TRP B 196 -29.68 -9.56 -2.49
CA TRP B 196 -29.85 -10.10 -1.15
C TRP B 196 -29.32 -9.17 -0.07
N VAL B 197 -28.39 -8.28 -0.40
CA VAL B 197 -27.71 -7.47 0.61
C VAL B 197 -28.68 -6.48 1.24
N PRO B 198 -29.38 -5.61 0.49
CA PRO B 198 -30.33 -4.71 1.14
C PRO B 198 -31.63 -5.40 1.54
N ALA B 199 -32.00 -6.45 0.80
CA ALA B 199 -33.29 -7.10 1.03
C ALA B 199 -33.29 -7.90 2.33
N VAL B 200 -32.19 -8.61 2.63
CA VAL B 200 -32.16 -9.49 3.78
C VAL B 200 -31.09 -9.05 4.77
N SER B 201 -29.83 -9.01 4.33
CA SER B 201 -28.72 -8.80 5.23
C SER B 201 -28.81 -7.46 5.95
N LYS B 202 -28.97 -6.37 5.19
CA LYS B 202 -29.07 -5.05 5.80
C LYS B 202 -30.39 -4.88 6.54
N GLU B 203 -31.48 -5.44 6.00
CA GLU B 203 -32.79 -5.29 6.62
C GLU B 203 -32.83 -5.91 8.01
N LEU B 204 -32.41 -7.18 8.12
CA LEU B 204 -32.40 -7.83 9.42
C LEU B 204 -31.38 -7.21 10.36
N THR B 205 -30.23 -6.76 9.83
CA THR B 205 -29.21 -6.17 10.68
C THR B 205 -29.68 -4.84 11.28
N GLY B 206 -30.27 -3.97 10.44
CA GLY B 206 -30.76 -2.70 10.94
C GLY B 206 -31.78 -2.84 12.04
N ARG B 207 -32.69 -3.81 11.90
CA ARG B 207 -33.68 -4.05 12.95
C ARG B 207 -33.02 -4.54 14.22
N MET B 208 -32.05 -5.45 14.09
CA MET B 208 -31.33 -5.95 15.26
C MET B 208 -30.64 -4.80 16.00
N LEU B 209 -29.98 -3.91 15.27
CA LEU B 209 -29.30 -2.78 15.91
C LEU B 209 -30.29 -1.89 16.63
N ALA B 210 -31.48 -1.68 16.05
CA ALA B 210 -32.50 -0.90 16.73
C ALA B 210 -32.97 -1.58 18.01
N THR B 211 -33.13 -2.90 17.96
CA THR B 211 -33.55 -3.64 19.15
C THR B 211 -32.52 -3.56 20.26
N LEU B 212 -31.23 -3.60 19.91
CA LEU B 212 -30.18 -3.58 20.92
C LEU B 212 -30.15 -2.29 21.72
N LEU B 213 -30.51 -1.17 21.09
CA LEU B 213 -30.49 0.13 21.76
C LEU B 213 -31.87 0.65 22.09
N ASP B 214 -32.93 -0.11 21.77
CA ASP B 214 -34.29 0.40 21.81
C ASP B 214 -34.40 1.69 20.99
N PHE B 215 -33.64 1.72 19.90
CA PHE B 215 -33.65 2.87 19.02
C PHE B 215 -34.99 2.98 18.31
N PRO B 216 -35.45 4.20 17.99
CA PRO B 216 -36.68 4.36 17.20
C PRO B 216 -36.66 3.53 15.93
N TYR B 217 -37.65 2.64 15.80
CA TYR B 217 -37.64 1.66 14.72
C TYR B 217 -37.56 2.32 13.35
N GLU B 218 -38.32 3.40 13.15
CA GLU B 218 -38.34 4.05 11.85
C GLU B 218 -37.06 4.85 11.57
N GLU B 219 -36.21 5.04 12.57
CA GLU B 219 -34.93 5.72 12.39
C GLU B 219 -33.75 4.76 12.46
N ARG B 220 -34.01 3.44 12.40
CA ARG B 220 -32.93 2.46 12.54
C ARG B 220 -31.89 2.60 11.45
N HIS B 221 -32.27 3.12 10.28
CA HIS B 221 -31.33 3.33 9.19
C HIS B 221 -30.21 4.29 9.58
N LYS B 222 -30.45 5.17 10.55
CA LYS B 222 -29.39 6.05 11.03
C LYS B 222 -28.26 5.26 11.68
N LEU B 223 -28.60 4.21 12.43
CA LEU B 223 -27.58 3.39 13.06
C LEU B 223 -26.68 2.73 12.02
N VAL B 224 -27.26 2.26 10.93
CA VAL B 224 -26.46 1.65 9.86
C VAL B 224 -25.59 2.70 9.17
N GLU B 225 -26.18 3.86 8.86
CA GLU B 225 -25.44 4.90 8.15
C GLU B 225 -24.29 5.43 9.00
N TRP B 226 -24.55 5.68 10.29
CA TRP B 226 -23.47 6.12 11.17
C TRP B 226 -22.37 5.09 11.28
N SER B 227 -22.75 3.80 11.38
CA SER B 227 -21.74 2.75 11.50
C SER B 227 -20.97 2.57 10.21
N ASP B 228 -21.65 2.66 9.06
CA ASP B 228 -20.98 2.48 7.78
C ASP B 228 -19.91 3.55 7.55
N ARG B 229 -20.27 4.82 7.72
CA ARG B 229 -19.28 5.89 7.54
C ARG B 229 -18.15 5.77 8.55
N MET B 230 -18.45 5.30 9.75
CA MET B 230 -17.41 5.19 10.78
C MET B 230 -16.41 4.09 10.43
N ALA B 231 -16.91 2.89 10.10
CA ALA B 231 -16.03 1.79 9.76
C ALA B 231 -15.42 1.92 8.37
N GLY B 232 -15.99 2.77 7.52
CA GLY B 232 -15.53 2.91 6.14
C GLY B 232 -14.68 4.13 5.90
N ALA B 233 -14.15 4.73 6.96
CA ALA B 233 -13.29 5.90 6.81
C ALA B 233 -12.03 5.54 6.03
N ALA B 234 -11.78 6.29 4.96
CA ALA B 234 -10.64 6.00 4.08
C ALA B 234 -9.32 6.02 4.85
N SER B 235 -9.19 6.94 5.81
CA SER B 235 -7.96 7.03 6.58
C SER B 235 -7.77 5.82 7.50
N ALA B 236 -8.87 5.20 7.92
CA ALA B 236 -8.81 4.09 8.85
C ALA B 236 -8.70 2.74 8.15
N THR B 237 -9.56 2.48 7.16
CA THR B 237 -9.68 1.16 6.57
C THR B 237 -9.54 1.17 5.05
N GLY B 238 -9.22 2.31 4.46
CA GLY B 238 -9.23 2.39 3.01
C GLY B 238 -10.60 2.33 2.38
N GLY B 239 -11.65 2.52 3.17
CA GLY B 239 -13.00 2.55 2.65
C GLY B 239 -13.27 3.77 1.81
N GLU B 240 -14.51 3.87 1.33
CA GLU B 240 -14.90 4.89 0.37
C GLU B 240 -15.39 6.17 1.03
N PHE B 241 -15.47 6.23 2.35
CA PHE B 241 -15.91 7.43 3.06
C PHE B 241 -14.69 8.31 3.33
N ALA B 242 -14.59 9.43 2.63
CA ALA B 242 -13.46 10.34 2.77
C ALA B 242 -13.87 11.75 3.17
N ASP B 243 -15.17 12.02 3.35
CA ASP B 243 -15.65 13.34 3.74
C ASP B 243 -15.59 13.43 5.26
N GLU B 244 -14.56 14.13 5.77
CA GLU B 244 -14.42 14.28 7.21
C GLU B 244 -15.47 15.21 7.81
N ASN B 245 -16.05 16.10 7.01
CA ASN B 245 -17.09 16.99 7.52
C ASN B 245 -18.34 16.22 7.91
N ALA B 246 -18.74 15.24 7.08
CA ALA B 246 -19.89 14.42 7.41
C ALA B 246 -19.63 13.54 8.64
N MET B 247 -18.37 13.19 8.88
CA MET B 247 -18.05 12.40 10.06
C MET B 247 -18.23 13.21 11.34
N PHE B 248 -17.91 14.50 11.30
CA PHE B 248 -18.19 15.36 12.45
C PHE B 248 -19.68 15.61 12.59
N ASP B 249 -20.40 15.72 11.47
CA ASP B 249 -21.85 15.86 11.53
C ASP B 249 -22.50 14.64 12.16
N ASP B 250 -22.12 13.45 11.71
CA ASP B 250 -22.69 12.22 12.25
C ASP B 250 -22.38 12.09 13.74
N ALA B 251 -21.14 12.39 14.14
CA ALA B 251 -20.79 12.30 15.55
C ALA B 251 -21.63 13.25 16.40
N ALA B 252 -21.93 14.44 15.87
CA ALA B 252 -22.80 15.37 16.59
C ALA B 252 -24.24 14.85 16.64
N ASP B 253 -24.75 14.38 15.50
CA ASP B 253 -26.09 13.81 15.47
C ASP B 253 -26.17 12.57 16.36
N MET B 254 -25.09 11.78 16.43
CA MET B 254 -25.08 10.61 17.29
C MET B 254 -25.20 11.00 18.75
N ALA B 255 -24.42 11.99 19.18
CA ALA B 255 -24.47 12.44 20.57
C ALA B 255 -25.87 12.94 20.93
N ARG B 256 -26.45 13.78 20.09
CA ARG B 256 -27.79 14.32 20.35
C ARG B 256 -28.82 13.19 20.40
N SER B 257 -28.80 12.30 19.41
CA SER B 257 -29.82 11.26 19.33
C SER B 257 -29.68 10.23 20.45
N PHE B 258 -28.44 9.89 20.81
CA PHE B 258 -28.23 8.95 21.92
C PHE B 258 -28.60 9.60 23.25
N SER B 259 -28.32 10.89 23.40
CA SER B 259 -28.69 11.60 24.62
C SER B 259 -30.20 11.67 24.79
N ARG B 260 -30.91 12.04 23.72
CA ARG B 260 -32.37 12.05 23.77
C ARG B 260 -32.92 10.66 24.08
N LEU B 261 -32.27 9.62 23.54
CA LEU B 261 -32.69 8.26 23.85
C LEU B 261 -32.46 7.95 25.32
N TRP B 262 -31.34 8.40 25.88
CA TRP B 262 -31.08 8.19 27.31
C TRP B 262 -32.12 8.91 28.16
N ARG B 263 -32.40 10.18 27.83
CA ARG B 263 -33.43 10.92 28.54
C ARG B 263 -34.79 10.25 28.40
N ASP B 264 -35.16 9.90 27.16
CA ASP B 264 -36.47 9.30 26.92
C ASP B 264 -36.62 7.99 27.69
N LYS B 265 -35.60 7.14 27.67
CA LYS B 265 -35.67 5.87 28.39
C LYS B 265 -35.68 6.09 29.90
N GLU B 266 -34.92 7.07 30.38
CA GLU B 266 -34.92 7.36 31.82
C GLU B 266 -36.28 7.87 32.27
N ALA B 267 -36.89 8.75 31.50
CA ALA B 267 -38.25 9.21 31.81
C ALA B 267 -39.24 8.05 31.77
N ARG B 268 -39.17 7.23 30.73
CA ARG B 268 -40.01 6.04 30.65
C ARG B 268 -39.75 5.11 31.83
N ARG B 269 -38.49 4.98 32.25
CA ARG B 269 -38.19 4.15 33.42
C ARG B 269 -38.80 4.74 34.68
N ALA B 270 -38.66 6.05 34.88
CA ALA B 270 -39.24 6.71 36.05
C ALA B 270 -40.75 6.62 36.08
N ALA B 271 -41.39 6.45 34.93
CA ALA B 271 -42.84 6.32 34.85
C ALA B 271 -43.33 4.89 35.03
N GLY B 272 -42.43 3.96 35.35
CA GLY B 272 -42.82 2.59 35.63
C GLY B 272 -42.89 1.67 34.43
N GLU B 273 -42.36 2.08 33.28
CA GLU B 273 -42.35 1.19 32.12
C GLU B 273 -41.42 0.01 32.38
N GLU B 274 -41.89 -1.19 32.11
CA GLU B 274 -41.11 -2.40 32.37
C GLU B 274 -39.77 -2.34 31.64
N PRO B 275 -38.66 -2.62 32.32
CA PRO B 275 -37.36 -2.53 31.65
C PRO B 275 -37.22 -3.57 30.56
N GLY B 276 -36.75 -3.12 29.39
CA GLY B 276 -36.54 -4.00 28.27
C GLY B 276 -35.23 -4.76 28.38
N PHE B 277 -34.88 -5.43 27.27
CA PHE B 277 -33.63 -6.16 27.18
C PHE B 277 -32.57 -5.40 26.39
N ASP B 278 -32.78 -4.11 26.15
CA ASP B 278 -31.84 -3.30 25.38
C ASP B 278 -30.67 -2.86 26.26
N LEU B 279 -29.64 -2.31 25.61
CA LEU B 279 -28.46 -1.86 26.34
C LEU B 279 -28.78 -0.70 27.26
N ILE B 280 -29.57 0.27 26.78
CA ILE B 280 -29.88 1.45 27.59
C ILE B 280 -30.64 1.05 28.85
N SER B 281 -31.69 0.24 28.69
CA SER B 281 -32.42 -0.27 29.84
C SER B 281 -31.49 -1.00 30.80
N LEU B 282 -30.57 -1.81 30.26
CA LEU B 282 -29.63 -2.52 31.11
C LEU B 282 -28.70 -1.56 31.85
N LEU B 283 -28.21 -0.53 31.15
CA LEU B 283 -27.29 0.42 31.76
C LEU B 283 -27.95 1.22 32.88
N GLN B 284 -29.23 1.57 32.70
CA GLN B 284 -29.94 2.36 33.70
C GLN B 284 -30.51 1.51 34.83
N SER B 285 -30.25 0.20 34.83
CA SER B 285 -30.69 -0.69 35.90
C SER B 285 -29.56 -1.11 36.83
N ASN B 286 -28.34 -0.63 36.61
CA ASN B 286 -27.18 -0.96 37.42
C ASN B 286 -26.59 0.31 38.01
N LYS B 287 -26.18 0.22 39.28
CA LYS B 287 -25.74 1.39 40.03
C LYS B 287 -24.58 2.11 39.34
N GLU B 288 -23.63 1.35 38.80
CA GLU B 288 -22.42 1.95 38.24
C GLU B 288 -22.68 2.69 36.94
N THR B 289 -23.77 2.36 36.24
CA THR B 289 -24.06 2.95 34.94
C THR B 289 -25.33 3.79 34.93
N LYS B 290 -25.95 4.03 36.08
CA LYS B 290 -27.12 4.91 36.13
C LYS B 290 -26.76 6.33 35.74
N ASP B 291 -25.51 6.74 35.98
CA ASP B 291 -25.05 8.10 35.72
C ASP B 291 -24.10 8.15 34.52
N LEU B 292 -24.20 7.18 33.61
CA LEU B 292 -23.25 7.09 32.52
C LEU B 292 -23.34 8.30 31.59
N ILE B 293 -24.51 8.94 31.54
CA ILE B 293 -24.67 10.14 30.72
C ILE B 293 -23.73 11.26 31.18
N ASN B 294 -23.35 11.25 32.47
CA ASN B 294 -22.41 12.23 32.97
C ASN B 294 -20.99 11.96 32.50
N ARG B 295 -20.72 10.75 31.97
CA ARG B 295 -19.42 10.38 31.41
C ARG B 295 -19.68 10.09 29.94
N PRO B 296 -19.76 11.13 29.12
CA PRO B 296 -20.21 10.92 27.73
C PRO B 296 -19.27 10.05 26.91
N MET B 297 -17.98 10.01 27.23
CA MET B 297 -17.07 9.21 26.43
C MET B 297 -17.31 7.73 26.62
N GLU B 298 -17.56 7.32 27.86
CA GLU B 298 -18.01 5.96 28.12
C GLU B 298 -19.38 5.73 27.49
N PHE B 299 -20.24 6.75 27.51
CA PHE B 299 -21.58 6.62 26.96
C PHE B 299 -21.55 6.47 25.44
N ILE B 300 -21.01 7.46 24.74
CA ILE B 300 -21.04 7.42 23.28
C ILE B 300 -20.18 6.27 22.77
N GLY B 301 -19.03 6.04 23.39
CA GLY B 301 -18.16 4.95 22.96
C GLY B 301 -18.83 3.59 23.04
N ASN B 302 -19.49 3.30 24.16
CA ASN B 302 -20.12 2.00 24.35
C ASN B 302 -21.25 1.78 23.36
N LEU B 303 -22.08 2.80 23.14
CA LEU B 303 -23.19 2.66 22.21
C LEU B 303 -22.71 2.63 20.77
N THR B 304 -21.67 3.40 20.45
CA THR B 304 -21.14 3.39 19.10
C THR B 304 -20.44 2.07 18.79
N LEU B 305 -19.70 1.54 19.77
CA LEU B 305 -19.03 0.25 19.56
C LEU B 305 -20.04 -0.86 19.34
N LEU B 306 -21.19 -0.80 20.04
CA LEU B 306 -22.18 -1.85 19.90
C LEU B 306 -22.78 -1.87 18.49
N ILE B 307 -23.07 -0.70 17.92
CA ILE B 307 -23.71 -0.67 16.61
C ILE B 307 -22.68 -0.88 15.50
N VAL B 308 -21.49 -0.32 15.64
CA VAL B 308 -20.45 -0.56 14.65
C VAL B 308 -19.95 -2.00 14.75
N GLY B 309 -19.89 -2.54 15.97
CA GLY B 309 -19.47 -3.92 16.14
C GLY B 309 -20.41 -4.92 15.49
N GLY B 310 -21.70 -4.60 15.46
CA GLY B 310 -22.71 -5.51 14.95
C GLY B 310 -23.27 -5.17 13.59
N ASN B 311 -22.82 -4.08 12.95
CA ASN B 311 -23.44 -3.64 11.71
C ASN B 311 -23.11 -4.47 10.48
N ASP B 312 -21.87 -4.38 10.00
CA ASP B 312 -21.53 -5.03 8.75
C ASP B 312 -20.97 -6.43 9.03
N THR B 313 -20.59 -6.72 10.27
CA THR B 313 -20.26 -8.09 10.64
C THR B 313 -21.46 -9.01 10.43
N THR B 314 -22.58 -8.68 11.07
CA THR B 314 -23.81 -9.45 10.91
C THR B 314 -24.26 -9.46 9.46
N ARG B 315 -24.26 -8.30 8.82
CA ARG B 315 -24.71 -8.19 7.44
C ARG B 315 -23.91 -9.10 6.52
N ASN B 316 -22.58 -9.07 6.64
CA ASN B 316 -21.73 -9.82 5.73
C ASN B 316 -21.68 -11.30 6.07
N SER B 317 -21.92 -11.65 7.34
CA SER B 317 -22.08 -13.06 7.69
C SER B 317 -23.34 -13.64 7.03
N MET B 318 -24.40 -12.84 6.95
CA MET B 318 -25.65 -13.32 6.36
C MET B 318 -25.51 -13.45 4.85
N SER B 319 -24.76 -12.56 4.22
CA SER B 319 -24.51 -12.67 2.78
C SER B 319 -23.47 -13.74 2.48
N GLY B 320 -22.43 -13.84 3.31
CA GLY B 320 -21.34 -14.76 3.03
C GLY B 320 -21.75 -16.22 2.99
N GLY B 321 -22.75 -16.59 3.80
CA GLY B 321 -23.21 -17.97 3.78
C GLY B 321 -23.77 -18.39 2.44
N LEU B 322 -24.47 -17.48 1.77
CA LEU B 322 -24.98 -17.79 0.43
C LEU B 322 -23.86 -17.87 -0.59
N VAL B 323 -22.80 -17.06 -0.43
CA VAL B 323 -21.67 -17.11 -1.35
C VAL B 323 -20.91 -18.42 -1.17
N ALA B 324 -20.74 -18.87 0.06
CA ALA B 324 -20.09 -20.15 0.31
C ALA B 324 -20.94 -21.31 -0.21
N MET B 325 -22.26 -21.24 -0.01
CA MET B 325 -23.15 -22.25 -0.58
C MET B 325 -23.07 -22.27 -2.10
N ASN B 326 -22.86 -21.11 -2.71
CA ASN B 326 -22.78 -21.06 -4.17
C ASN B 326 -21.50 -21.71 -4.68
N GLU B 327 -20.37 -21.48 -3.98
CA GLU B 327 -19.10 -22.07 -4.40
C GLU B 327 -18.99 -23.54 -4.04
N PHE B 328 -19.82 -24.04 -3.13
CA PHE B 328 -19.76 -25.42 -2.67
C PHE B 328 -21.19 -25.93 -2.49
N PRO B 329 -21.90 -26.21 -3.59
CA PRO B 329 -23.33 -26.55 -3.47
C PRO B 329 -23.59 -27.92 -2.85
N ARG B 330 -22.60 -28.82 -2.82
CA ARG B 330 -22.79 -30.09 -2.13
C ARG B 330 -23.05 -29.88 -0.64
N GLU B 331 -22.62 -28.75 -0.07
CA GLU B 331 -22.88 -28.48 1.33
C GLU B 331 -24.34 -28.11 1.58
N PHE B 332 -25.01 -27.54 0.58
CA PHE B 332 -26.43 -27.25 0.75
C PHE B 332 -27.25 -28.53 0.72
N GLU B 333 -26.91 -29.47 -0.16
CA GLU B 333 -27.54 -30.78 -0.13
C GLU B 333 -27.26 -31.49 1.18
N LYS B 334 -26.01 -31.43 1.66
CA LYS B 334 -25.67 -32.01 2.95
C LYS B 334 -26.43 -31.32 4.08
N LEU B 335 -26.69 -30.02 3.96
CA LEU B 335 -27.40 -29.30 5.01
C LEU B 335 -28.86 -29.70 5.06
N LYS B 336 -29.52 -29.76 3.90
CA LYS B 336 -30.93 -30.14 3.87
C LYS B 336 -31.13 -31.57 4.36
N ALA B 337 -30.17 -32.46 4.10
CA ALA B 337 -30.30 -33.84 4.56
C ALA B 337 -30.06 -33.96 6.05
N LYS B 338 -29.28 -33.05 6.63
CA LYS B 338 -28.96 -33.07 8.06
C LYS B 338 -29.07 -31.66 8.61
N PRO B 339 -30.29 -31.17 8.83
CA PRO B 339 -30.45 -29.81 9.35
C PRO B 339 -29.83 -29.59 10.72
N GLU B 340 -29.48 -30.65 11.45
CA GLU B 340 -28.80 -30.52 12.72
C GLU B 340 -27.40 -29.91 12.57
N LEU B 341 -26.90 -29.77 11.34
CA LEU B 341 -25.59 -29.21 11.08
C LEU B 341 -25.56 -27.68 11.09
N ILE B 342 -26.71 -27.03 11.24
CA ILE B 342 -26.75 -25.57 11.17
C ILE B 342 -25.85 -24.91 12.20
N PRO B 343 -25.86 -25.30 13.49
CA PRO B 343 -24.96 -24.64 14.45
C PRO B 343 -23.49 -24.71 14.04
N ASN B 344 -23.02 -25.87 13.60
CA ASN B 344 -21.64 -25.99 13.16
C ASN B 344 -21.42 -25.29 11.81
N MET B 345 -22.44 -25.29 10.95
CA MET B 345 -22.32 -24.56 9.69
C MET B 345 -22.18 -23.07 9.90
N VAL B 346 -22.89 -22.52 10.90
CA VAL B 346 -22.78 -21.11 11.22
C VAL B 346 -21.33 -20.75 11.54
N SER B 347 -20.67 -21.59 12.35
CA SER B 347 -19.25 -21.38 12.62
C SER B 347 -18.43 -21.47 11.33
N GLU B 348 -18.79 -22.39 10.43
CA GLU B 348 -18.03 -22.53 9.19
C GLU B 348 -18.29 -21.35 8.25
N ILE B 349 -19.53 -20.85 8.22
CA ILE B 349 -19.80 -19.62 7.49
C ILE B 349 -18.94 -18.49 8.02
N ILE B 350 -18.87 -18.36 9.34
CA ILE B 350 -18.14 -17.26 9.96
C ILE B 350 -16.63 -17.44 9.74
N ARG B 351 -16.15 -18.68 9.79
CA ARG B 351 -14.74 -18.93 9.49
C ARG B 351 -14.42 -18.61 8.03
N TRP B 352 -15.24 -19.14 7.12
CA TRP B 352 -14.96 -18.99 5.70
C TRP B 352 -15.06 -17.53 5.25
N GLN B 353 -16.10 -16.83 5.70
CA GLN B 353 -16.26 -15.43 5.31
C GLN B 353 -15.23 -14.55 6.01
N THR B 354 -15.05 -14.74 7.32
CA THR B 354 -14.22 -13.89 8.18
C THR B 354 -14.59 -12.43 7.95
N PRO B 355 -15.74 -11.98 8.48
CA PRO B 355 -16.23 -10.63 8.12
C PRO B 355 -15.30 -9.51 8.55
N VAL B 356 -14.51 -9.69 9.60
CA VAL B 356 -13.54 -8.70 10.04
C VAL B 356 -12.17 -9.24 9.68
N ALA B 357 -11.48 -8.56 8.76
CA ALA B 357 -10.24 -9.09 8.22
C ALA B 357 -9.12 -9.11 9.24
N TYR B 358 -9.12 -8.16 10.18
CA TYR B 358 -8.00 -8.03 11.09
C TYR B 358 -8.39 -7.22 12.31
N MET B 359 -7.53 -7.27 13.32
CA MET B 359 -7.48 -6.31 14.41
C MET B 359 -6.04 -5.87 14.59
N ARG B 360 -5.85 -4.58 14.84
CA ARG B 360 -4.52 -4.00 14.93
C ARG B 360 -4.11 -3.80 16.38
N ARG B 361 -2.83 -4.00 16.65
CA ARG B 361 -2.24 -3.81 17.96
C ARG B 361 -1.00 -2.94 17.84
N ILE B 362 -0.49 -2.48 18.99
CA ILE B 362 0.78 -1.78 19.07
C ILE B 362 1.65 -2.48 20.10
N ALA B 363 2.88 -2.79 19.72
CA ALA B 363 3.79 -3.50 20.62
C ALA B 363 4.18 -2.59 21.78
N LYS B 364 3.82 -3.02 23.00
CA LYS B 364 4.24 -2.30 24.19
C LYS B 364 5.74 -2.39 24.42
N GLN B 365 6.38 -3.40 23.84
CA GLN B 365 7.81 -3.64 24.02
C GLN B 365 8.34 -4.33 22.78
N ASP B 366 9.66 -4.49 22.71
CA ASP B 366 10.25 -5.34 21.70
C ASP B 366 9.80 -6.78 21.92
N VAL B 367 9.39 -7.44 20.83
CA VAL B 367 8.84 -8.79 20.91
C VAL B 367 9.42 -9.60 19.76
N GLU B 368 10.01 -10.75 20.08
CA GLU B 368 10.45 -11.69 19.07
C GLU B 368 9.28 -12.58 18.66
N LEU B 369 9.03 -12.68 17.36
CA LEU B 369 7.90 -13.46 16.86
C LEU B 369 8.18 -13.84 15.42
N GLY B 370 7.97 -15.13 15.11
CA GLY B 370 8.18 -15.61 13.75
C GLY B 370 9.59 -15.41 13.23
N GLY B 371 10.59 -15.40 14.12
CA GLY B 371 11.95 -15.13 13.72
C GLY B 371 12.26 -13.67 13.48
N GLN B 372 11.33 -12.77 13.79
CA GLN B 372 11.51 -11.34 13.59
C GLN B 372 11.41 -10.62 14.92
N THR B 373 11.92 -9.39 14.94
CA THR B 373 11.92 -8.54 16.13
C THR B 373 10.95 -7.40 15.90
N ILE B 374 9.76 -7.50 16.48
CA ILE B 374 8.80 -6.41 16.44
C ILE B 374 9.24 -5.36 17.44
N LYS B 375 9.47 -4.13 16.98
CA LYS B 375 9.99 -3.08 17.84
C LYS B 375 8.85 -2.42 18.62
N LYS B 376 9.20 -1.92 19.80
CA LYS B 376 8.23 -1.21 20.63
C LYS B 376 7.62 -0.03 19.87
N GLY B 377 6.30 0.06 19.91
CA GLY B 377 5.58 1.11 19.20
C GLY B 377 5.12 0.74 17.81
N ASP B 378 5.66 -0.33 17.23
CA ASP B 378 5.24 -0.76 15.91
C ASP B 378 3.78 -1.18 15.91
N ARG B 379 3.10 -0.92 14.80
CA ARG B 379 1.75 -1.41 14.62
C ARG B 379 1.78 -2.85 14.12
N VAL B 380 0.95 -3.70 14.73
CA VAL B 380 0.90 -5.12 14.41
C VAL B 380 -0.53 -5.47 14.02
N VAL B 381 -0.69 -6.06 12.84
CA VAL B 381 -2.00 -6.37 12.27
C VAL B 381 -2.18 -7.88 12.34
N MET B 382 -3.20 -8.34 13.05
CA MET B 382 -3.53 -9.75 13.16
C MET B 382 -4.54 -10.10 12.06
N TRP B 383 -4.08 -10.77 11.02
CA TRP B 383 -4.91 -11.03 9.84
C TRP B 383 -5.73 -12.30 10.04
N TYR B 384 -6.87 -12.12 10.72
CA TYR B 384 -7.81 -13.22 10.92
C TYR B 384 -8.19 -13.89 9.60
N ALA B 385 -8.37 -13.09 8.54
CA ALA B 385 -8.71 -13.66 7.24
C ALA B 385 -7.63 -14.60 6.75
N SER B 386 -6.38 -14.36 7.12
CA SER B 386 -5.30 -15.28 6.78
C SER B 386 -5.26 -16.47 7.72
N GLY B 387 -5.38 -16.21 9.03
CA GLY B 387 -5.36 -17.29 10.01
C GLY B 387 -6.41 -18.35 9.74
N ASN B 388 -7.63 -17.92 9.39
CA ASN B 388 -8.70 -18.87 9.12
C ASN B 388 -8.49 -19.67 7.84
N ARG B 389 -7.55 -19.27 6.99
CA ARG B 389 -7.19 -20.04 5.81
C ARG B 389 -5.84 -20.73 5.96
N ASP B 390 -5.29 -20.75 7.17
CA ASP B 390 -3.99 -21.40 7.42
C ASP B 390 -4.20 -22.91 7.44
N GLU B 391 -3.59 -23.61 6.47
CA GLU B 391 -3.72 -25.06 6.44
C GLU B 391 -2.96 -25.73 7.57
N ARG B 392 -2.06 -25.00 8.25
CA ARG B 392 -1.47 -25.52 9.48
C ARG B 392 -2.51 -25.72 10.57
N LYS B 393 -3.67 -25.07 10.45
CA LYS B 393 -4.77 -25.21 11.40
C LYS B 393 -5.96 -25.94 10.81
N PHE B 394 -6.37 -25.61 9.59
CA PHE B 394 -7.54 -26.20 8.97
C PHE B 394 -7.14 -26.98 7.73
N ASP B 395 -7.46 -28.28 7.71
CA ASP B 395 -7.33 -29.05 6.48
C ASP B 395 -8.28 -28.50 5.42
N ASN B 396 -7.78 -28.41 4.18
CA ASN B 396 -8.52 -27.83 3.07
C ASN B 396 -9.13 -26.48 3.47
N PRO B 397 -8.30 -25.50 3.85
CA PRO B 397 -8.84 -24.31 4.51
C PRO B 397 -9.69 -23.43 3.60
N ASP B 398 -9.45 -23.46 2.30
CA ASP B 398 -10.26 -22.67 1.37
C ASP B 398 -11.60 -23.30 1.05
N GLN B 399 -11.89 -24.48 1.60
CA GLN B 399 -13.10 -25.21 1.29
C GLN B 399 -14.17 -24.97 2.35
N PHE B 400 -15.41 -24.80 1.91
CA PHE B 400 -16.56 -24.62 2.78
C PHE B 400 -17.09 -25.99 3.15
N ILE B 401 -16.84 -26.44 4.38
CA ILE B 401 -17.23 -27.76 4.85
C ILE B 401 -18.08 -27.56 6.09
N ILE B 402 -19.41 -27.72 5.95
CA ILE B 402 -20.32 -27.35 7.01
C ILE B 402 -20.20 -28.25 8.23
N ASP B 403 -19.72 -29.48 8.08
CA ASP B 403 -19.49 -30.37 9.20
C ASP B 403 -18.02 -30.46 9.59
N ARG B 404 -17.25 -29.41 9.28
CA ARG B 404 -15.85 -29.35 9.67
C ARG B 404 -15.73 -29.48 11.18
N LYS B 405 -14.93 -30.45 11.62
CA LYS B 405 -14.90 -30.80 13.04
C LYS B 405 -14.47 -29.62 13.91
N ASP B 406 -13.48 -28.85 13.46
CA ASP B 406 -12.92 -27.76 14.23
C ASP B 406 -13.33 -26.39 13.69
N ALA B 407 -14.53 -26.30 13.11
CA ALA B 407 -15.04 -25.00 12.67
C ALA B 407 -15.14 -24.02 13.83
N ARG B 408 -15.49 -24.50 15.02
CA ARG B 408 -15.64 -23.64 16.19
C ARG B 408 -14.32 -22.99 16.59
N ASN B 409 -13.18 -23.53 16.14
CA ASN B 409 -11.88 -23.00 16.53
C ASN B 409 -11.47 -21.77 15.71
N HIS B 410 -12.32 -21.30 14.81
CA HIS B 410 -11.98 -20.16 13.97
C HIS B 410 -11.65 -18.93 14.81
N MET B 411 -10.92 -18.00 14.20
CA MET B 411 -10.53 -16.76 14.86
C MET B 411 -11.24 -15.55 14.26
N SER B 412 -12.43 -15.74 13.69
CA SER B 412 -13.18 -14.62 13.14
C SER B 412 -13.66 -13.69 14.25
N PHE B 413 -13.83 -14.21 15.46
CA PHE B 413 -14.16 -13.41 16.63
C PHE B 413 -12.92 -12.97 17.40
N GLY B 414 -11.73 -13.34 16.93
CA GLY B 414 -10.53 -13.11 17.68
C GLY B 414 -10.43 -14.02 18.89
N TYR B 415 -9.40 -13.77 19.69
CA TYR B 415 -9.20 -14.51 20.92
C TYR B 415 -8.56 -13.58 21.95
N GLY B 416 -8.66 -13.97 23.22
CA GLY B 416 -8.17 -13.12 24.28
C GLY B 416 -9.27 -12.24 24.86
N VAL B 417 -8.82 -11.18 25.54
CA VAL B 417 -9.74 -10.32 26.28
C VAL B 417 -10.70 -9.57 25.38
N HIS B 418 -10.34 -9.35 24.12
CA HIS B 418 -11.19 -8.61 23.19
C HIS B 418 -12.06 -9.50 22.31
N ARG B 419 -12.04 -10.81 22.54
CA ARG B 419 -12.84 -11.72 21.71
C ARG B 419 -14.29 -11.26 21.68
N CYS B 420 -14.85 -11.25 20.46
CA CYS B 420 -16.12 -10.62 20.14
C CYS B 420 -17.16 -10.79 21.23
N MET B 421 -17.66 -9.67 21.75
CA MET B 421 -18.67 -9.72 22.79
C MET B 421 -20.02 -10.17 22.23
N GLY B 422 -20.30 -9.85 20.97
CA GLY B 422 -21.58 -10.19 20.38
C GLY B 422 -21.58 -11.50 19.61
N ASN B 423 -20.58 -12.35 19.87
CA ASN B 423 -20.41 -13.57 19.09
C ASN B 423 -21.63 -14.48 19.20
N ARG B 424 -22.22 -14.57 20.40
CA ARG B 424 -23.38 -15.41 20.58
C ARG B 424 -24.60 -14.81 19.86
N LEU B 425 -24.73 -13.48 19.87
CA LEU B 425 -25.80 -12.84 19.13
C LEU B 425 -25.64 -13.04 17.62
N ALA B 426 -24.40 -12.93 17.14
CA ALA B 426 -24.14 -13.14 15.71
C ALA B 426 -24.50 -14.56 15.29
N GLU B 427 -24.06 -15.55 16.08
CA GLU B 427 -24.37 -16.94 15.78
C GLU B 427 -25.87 -17.21 15.88
N LEU B 428 -26.55 -16.56 16.82
CA LEU B 428 -27.99 -16.74 16.96
C LEU B 428 -28.74 -16.25 15.72
N GLN B 429 -28.38 -15.07 15.23
CA GLN B 429 -29.05 -14.54 14.04
C GLN B 429 -28.79 -15.43 12.83
N LEU B 430 -27.56 -15.92 12.68
CA LEU B 430 -27.23 -16.78 11.55
C LEU B 430 -27.94 -18.13 11.66
N ARG B 431 -28.00 -18.69 12.87
CA ARG B 431 -28.69 -19.96 13.04
C ARG B 431 -30.17 -19.84 12.70
N ILE B 432 -30.81 -18.77 13.18
CA ILE B 432 -32.23 -18.57 12.90
C ILE B 432 -32.46 -18.32 11.41
N LEU B 433 -31.57 -17.53 10.78
CA LEU B 433 -31.73 -17.23 9.37
C LEU B 433 -31.73 -18.51 8.53
N TRP B 434 -30.81 -19.42 8.81
CA TRP B 434 -30.72 -20.63 8.00
C TRP B 434 -31.76 -21.67 8.39
N GLU B 435 -32.20 -21.67 9.64
CA GLU B 435 -33.36 -22.47 10.00
C GLU B 435 -34.60 -22.05 9.22
N GLU B 436 -34.81 -20.72 9.11
CA GLU B 436 -35.95 -20.21 8.35
C GLU B 436 -35.73 -20.31 6.85
N ILE B 437 -34.47 -20.42 6.39
CA ILE B 437 -34.22 -20.64 4.98
C ILE B 437 -34.61 -22.07 4.59
N LEU B 438 -34.27 -23.05 5.43
CA LEU B 438 -34.61 -24.44 5.14
C LEU B 438 -36.12 -24.66 5.15
N LYS B 439 -36.85 -23.94 6.00
CA LYS B 439 -38.30 -24.11 6.05
C LYS B 439 -38.99 -23.71 4.76
N ARG B 440 -38.40 -22.78 4.02
CA ARG B 440 -39.09 -22.12 2.91
C ARG B 440 -38.54 -22.46 1.54
N PHE B 441 -37.24 -22.66 1.39
CA PHE B 441 -36.61 -22.68 0.08
C PHE B 441 -35.91 -24.01 -0.17
N ASP B 442 -36.13 -24.54 -1.37
CA ASP B 442 -35.50 -25.78 -1.80
C ASP B 442 -34.13 -25.56 -2.42
N ASN B 443 -33.84 -24.37 -2.91
CA ASN B 443 -32.55 -24.07 -3.51
C ASN B 443 -32.35 -22.56 -3.53
N ILE B 444 -31.09 -22.14 -3.39
CA ILE B 444 -30.70 -20.74 -3.43
C ILE B 444 -29.53 -20.63 -4.41
N GLU B 445 -29.70 -19.82 -5.46
CA GLU B 445 -28.71 -19.70 -6.51
C GLU B 445 -28.24 -18.25 -6.61
N VAL B 446 -26.92 -18.06 -6.61
CA VAL B 446 -26.31 -16.77 -6.85
C VAL B 446 -26.12 -16.64 -8.36
N VAL B 447 -26.91 -15.75 -8.98
CA VAL B 447 -27.00 -15.69 -10.44
C VAL B 447 -26.12 -14.59 -11.02
N GLU B 448 -25.18 -14.06 -10.25
CA GLU B 448 -24.31 -12.99 -10.73
C GLU B 448 -23.09 -12.93 -9.83
N GLU B 449 -21.98 -12.49 -10.41
CA GLU B 449 -20.75 -12.33 -9.64
C GLU B 449 -20.95 -11.27 -8.56
N PRO B 450 -20.81 -11.62 -7.28
CA PRO B 450 -21.06 -10.64 -6.23
C PRO B 450 -20.11 -9.45 -6.31
N GLU B 451 -20.61 -8.29 -5.91
CA GLU B 451 -19.79 -7.10 -5.79
C GLU B 451 -19.36 -6.95 -4.34
N ARG B 452 -18.06 -6.75 -4.13
CA ARG B 452 -17.46 -6.74 -2.82
C ARG B 452 -17.07 -5.32 -2.40
N VAL B 453 -17.14 -5.08 -1.10
CA VAL B 453 -16.97 -3.74 -0.53
C VAL B 453 -15.51 -3.36 -0.54
N GLN B 454 -15.25 -2.07 -0.78
CA GLN B 454 -13.90 -1.51 -0.69
C GLN B 454 -13.54 -1.29 0.78
N SER B 455 -12.54 -2.04 1.26
CA SER B 455 -12.04 -1.97 2.62
C SER B 455 -10.92 -2.97 2.79
N ASN B 456 -10.02 -2.73 3.74
CA ASN B 456 -9.05 -3.74 4.15
C ASN B 456 -9.49 -4.37 5.47
N PHE B 457 -10.56 -3.86 6.06
CA PHE B 457 -11.02 -4.24 7.38
C PHE B 457 -12.26 -5.11 7.34
N GLY B 458 -13.31 -4.66 6.65
CA GLY B 458 -14.51 -5.47 6.50
C GLY B 458 -14.47 -6.24 5.19
N ARG B 459 -14.82 -7.52 5.28
CA ARG B 459 -14.92 -8.40 4.12
C ARG B 459 -16.41 -8.67 3.88
N GLY B 460 -16.98 -8.01 2.88
CA GLY B 460 -18.40 -8.06 2.69
C GLY B 460 -18.82 -7.81 1.25
N TYR B 461 -20.14 -7.82 1.05
CA TYR B 461 -20.73 -7.71 -0.27
C TYR B 461 -21.74 -6.57 -0.27
N SER B 462 -21.68 -5.74 -1.31
CA SER B 462 -22.68 -4.69 -1.52
C SER B 462 -23.78 -5.11 -2.48
N ARG B 463 -23.56 -6.17 -3.25
CA ARG B 463 -24.56 -6.66 -4.20
C ARG B 463 -24.43 -8.18 -4.29
N LEU B 464 -25.55 -8.87 -4.11
CA LEU B 464 -25.58 -10.34 -4.15
C LEU B 464 -26.92 -10.74 -4.78
N MET B 465 -26.91 -10.94 -6.09
CA MET B 465 -28.13 -11.25 -6.82
C MET B 465 -28.48 -12.73 -6.60
N VAL B 466 -29.67 -12.97 -6.06
CA VAL B 466 -30.06 -14.30 -5.58
C VAL B 466 -31.39 -14.68 -6.20
N LYS B 467 -31.48 -15.93 -6.68
CA LYS B 467 -32.72 -16.51 -7.16
C LYS B 467 -33.14 -17.62 -6.19
N LEU B 468 -34.35 -17.51 -5.67
CA LEU B 468 -34.87 -18.46 -4.69
C LEU B 468 -35.80 -19.46 -5.37
N THR B 469 -35.72 -20.71 -4.94
CA THR B 469 -36.62 -21.76 -5.40
C THR B 469 -37.36 -22.35 -4.20
N PRO B 470 -38.63 -22.04 -4.01
CA PRO B 470 -39.37 -22.61 -2.87
C PRO B 470 -39.59 -24.10 -3.04
N ASN B 471 -40.03 -24.72 -1.94
CA ASN B 471 -40.27 -26.16 -1.92
C ASN B 471 -41.76 -26.47 -2.08
#